data_4XAV
#
_entry.id   4XAV
#
_cell.length_a   47.164
_cell.length_b   140.643
_cell.length_c   78.152
_cell.angle_alpha   90.00
_cell.angle_beta   106.03
_cell.angle_gamma   90.00
#
_symmetry.space_group_name_H-M   'P 1 21 1'
#
loop_
_entity.id
_entity.type
_entity.pdbx_description
1 polymer Gliomedin
2 non-polymer GLYCEROL
3 non-polymer 'SODIUM ION'
4 non-polymer 'PHOSPHATE ION'
5 water water
#
_entity_poly.entity_id   1
_entity_poly.type   'polypeptide(L)'
_entity_poly.pdbx_seq_one_letter_code
;DTLVGRADEKANERHSPQTESMITSIGNPAQVLKVRETFGTWMRESANKSDDRIWVTEHFSGIMVKEFKDLPALLNSSFT
LLHLPHYFHGCGHAVYNNSLYYHKGGSNTIVRFEFGKETPQTLKLENALYFDRKYLFANSKTYFNIAVDEKGIWIIYASS
VDGSSILVAQLDERTFSVTQHINTTYPKSKAGNAFIARGILYVTDTKDTRVTFAFDLLGGKQINANFDFRMSQSVLAMLS
YNMRDQHLYSWEDGHLMLYPVQFLSAASSQR
;
_entity_poly.pdbx_strand_id   A,B,C,D
#
loop_
_chem_comp.id
_chem_comp.type
_chem_comp.name
_chem_comp.formula
GOL non-polymer GLYCEROL 'C3 H8 O3'
NA non-polymer 'SODIUM ION' 'Na 1'
PO4 non-polymer 'PHOSPHATE ION' 'O4 P -3'
#
# COMPACT_ATOMS: atom_id res chain seq x y z
N SER A 21 -17.99 -4.52 -38.35
CA SER A 21 -18.70 -5.36 -37.40
C SER A 21 -17.83 -5.72 -36.20
N MET A 22 -18.47 -6.06 -35.10
CA MET A 22 -17.78 -6.26 -33.83
C MET A 22 -17.77 -7.72 -33.44
N ILE A 23 -16.81 -8.10 -32.60
CA ILE A 23 -16.75 -9.45 -32.06
C ILE A 23 -17.71 -9.58 -30.88
N THR A 24 -18.50 -10.65 -30.86
CA THR A 24 -19.45 -10.84 -29.78
C THR A 24 -19.00 -11.95 -28.82
N SER A 25 -18.17 -12.87 -29.31
CA SER A 25 -17.60 -13.92 -28.45
C SER A 25 -16.40 -14.63 -29.08
N ILE A 26 -15.69 -15.38 -28.24
CA ILE A 26 -14.53 -16.18 -28.63
C ILE A 26 -14.80 -17.64 -28.27
N GLY A 27 -14.56 -18.56 -29.19
CA GLY A 27 -14.83 -19.96 -28.95
C GLY A 27 -13.83 -20.67 -28.05
N ASN A 28 -14.06 -21.94 -27.76
CA ASN A 28 -13.09 -22.77 -27.06
C ASN A 28 -11.84 -22.93 -27.90
N PRO A 29 -10.67 -22.98 -27.27
CA PRO A 29 -9.45 -23.04 -28.09
C PRO A 29 -9.12 -24.45 -28.61
N ALA A 30 -8.35 -24.49 -29.69
CA ALA A 30 -7.72 -25.72 -30.14
C ALA A 30 -6.23 -25.59 -29.86
N GLN A 31 -5.66 -26.57 -29.16
CA GLN A 31 -4.22 -26.53 -28.94
C GLN A 31 -3.49 -27.25 -30.06
N VAL A 32 -2.43 -26.62 -30.56
CA VAL A 32 -1.67 -27.15 -31.68
C VAL A 32 -0.38 -27.84 -31.22
N LEU A 33 0.18 -27.36 -30.12
CA LEU A 33 1.46 -27.87 -29.68
C LEU A 33 1.83 -27.30 -28.31
N LYS A 34 2.64 -28.05 -27.58
CA LYS A 34 3.19 -27.58 -26.32
C LYS A 34 4.70 -27.71 -26.36
N VAL A 35 5.39 -26.60 -26.07
CA VAL A 35 6.85 -26.59 -26.12
C VAL A 35 7.39 -26.14 -24.78
N ARG A 36 8.68 -26.35 -24.55
CA ARG A 36 9.30 -26.00 -23.28
C ARG A 36 9.41 -24.49 -23.10
N GLU A 37 9.52 -23.78 -24.22
CA GLU A 37 9.67 -22.33 -24.21
C GLU A 37 8.40 -21.63 -23.70
N THR A 38 8.51 -21.00 -22.54
CA THR A 38 7.41 -20.29 -21.92
C THR A 38 6.88 -19.17 -22.81
N PHE A 39 7.79 -18.40 -23.39
CA PHE A 39 7.42 -17.23 -24.18
C PHE A 39 7.94 -17.35 -25.60
N GLY A 40 7.12 -16.92 -26.55
CA GLY A 40 7.50 -16.92 -27.94
C GLY A 40 6.35 -16.49 -28.82
N THR A 41 6.50 -16.66 -30.13
CA THR A 41 5.44 -16.34 -31.07
C THR A 41 5.33 -17.44 -32.09
N TRP A 42 4.11 -17.72 -32.54
CA TRP A 42 3.96 -18.51 -33.76
C TRP A 42 3.02 -17.75 -34.70
N MET A 43 3.36 -17.75 -35.98
CA MET A 43 2.74 -16.86 -36.95
C MET A 43 2.53 -17.55 -38.30
N ARG A 44 1.42 -17.25 -38.97
CA ARG A 44 1.17 -17.70 -40.34
C ARG A 44 0.82 -16.52 -41.22
N GLU A 45 1.01 -16.67 -42.53
CA GLU A 45 0.57 -15.69 -43.50
C GLU A 45 -0.90 -15.34 -43.29
N SER A 46 -1.26 -14.07 -43.50
CA SER A 46 -2.66 -13.64 -43.39
C SER A 46 -3.15 -13.05 -44.71
N ALA A 47 -2.22 -12.84 -45.64
CA ALA A 47 -2.61 -12.41 -46.97
C ALA A 47 -3.37 -13.54 -47.67
N ASN A 48 -4.31 -13.17 -48.52
CA ASN A 48 -5.07 -14.15 -49.28
C ASN A 48 -4.14 -14.99 -50.14
N LYS A 49 -3.53 -16.02 -49.54
CA LYS A 49 -2.55 -16.83 -50.24
C LYS A 49 -2.54 -18.28 -49.80
N SER A 50 -2.15 -19.15 -50.73
CA SER A 50 -1.78 -20.50 -50.38
C SER A 50 -0.35 -20.48 -49.82
N ASP A 51 -0.26 -20.56 -48.50
CA ASP A 51 1.03 -20.60 -47.82
C ASP A 51 0.82 -21.27 -46.49
N ASP A 52 1.32 -22.49 -46.36
CA ASP A 52 1.13 -23.27 -45.15
C ASP A 52 2.26 -23.11 -44.14
N ARG A 53 3.19 -22.21 -44.42
CA ARG A 53 4.36 -22.06 -43.56
C ARG A 53 4.03 -21.47 -42.18
N ILE A 54 4.84 -21.81 -41.19
CA ILE A 54 4.72 -21.26 -39.85
C ILE A 54 6.06 -20.72 -39.39
N TRP A 55 6.05 -19.53 -38.83
CA TRP A 55 7.27 -18.91 -38.32
C TRP A 55 7.19 -18.78 -36.81
N VAL A 56 8.30 -19.08 -36.13
CA VAL A 56 8.34 -19.05 -34.68
C VAL A 56 9.54 -18.28 -34.16
N THR A 57 9.34 -17.47 -33.12
CA THR A 57 10.48 -16.93 -32.38
C THR A 57 10.33 -17.42 -30.94
N GLU A 58 11.45 -17.51 -30.24
CA GLU A 58 11.45 -18.01 -28.87
C GLU A 58 12.09 -16.99 -27.93
N HIS A 59 11.57 -16.91 -26.70
CA HIS A 59 12.10 -16.01 -25.69
C HIS A 59 11.82 -14.55 -26.01
N PHE A 60 12.36 -13.65 -25.21
CA PHE A 60 12.07 -12.22 -25.34
C PHE A 60 13.01 -11.48 -26.29
N SER A 61 14.10 -12.12 -26.69
CA SER A 61 15.05 -11.50 -27.61
C SER A 61 15.84 -12.53 -28.37
N GLY A 62 16.34 -12.16 -29.54
CA GLY A 62 17.18 -13.05 -30.33
C GLY A 62 17.39 -12.51 -31.72
N ILE A 63 18.06 -13.28 -32.57
CA ILE A 63 18.31 -12.86 -33.94
C ILE A 63 17.92 -13.96 -34.93
N MET A 64 17.30 -15.02 -34.42
CA MET A 64 16.89 -16.13 -35.26
C MET A 64 15.37 -16.32 -35.31
N VAL A 65 14.87 -16.71 -36.47
CA VAL A 65 13.48 -17.14 -36.62
C VAL A 65 13.48 -18.56 -37.17
N LYS A 66 12.60 -19.40 -36.64
CA LYS A 66 12.44 -20.76 -37.17
C LYS A 66 11.31 -20.77 -38.18
N GLU A 67 11.56 -21.31 -39.36
CA GLU A 67 10.52 -21.45 -40.38
C GLU A 67 10.14 -22.91 -40.57
N PHE A 68 8.84 -23.19 -40.43
CA PHE A 68 8.30 -24.53 -40.63
C PHE A 68 7.48 -24.58 -41.91
N LYS A 69 7.68 -25.62 -42.72
CA LYS A 69 7.02 -25.65 -44.04
C LYS A 69 5.51 -25.86 -43.89
N ASP A 70 5.10 -26.51 -42.80
CA ASP A 70 3.68 -26.73 -42.53
C ASP A 70 3.47 -27.15 -41.09
N LEU A 71 2.23 -27.50 -40.75
CA LEU A 71 1.89 -27.84 -39.37
C LEU A 71 2.57 -29.13 -38.91
N PRO A 72 2.54 -30.18 -39.75
CA PRO A 72 3.23 -31.40 -39.34
C PRO A 72 4.71 -31.14 -39.04
N ALA A 73 5.35 -30.30 -39.85
CA ALA A 73 6.73 -29.88 -39.58
C ALA A 73 6.88 -29.22 -38.21
N LEU A 74 5.96 -28.32 -37.87
CA LEU A 74 5.97 -27.70 -36.55
C LEU A 74 5.82 -28.74 -35.45
N LEU A 75 4.88 -29.67 -35.67
CA LEU A 75 4.60 -30.73 -34.72
C LEU A 75 5.80 -31.61 -34.46
N ASN A 76 6.66 -31.76 -35.47
CA ASN A 76 7.84 -32.61 -35.36
C ASN A 76 9.14 -31.80 -35.26
N SER A 77 9.01 -30.51 -34.99
CA SER A 77 10.19 -29.69 -34.73
C SER A 77 11.20 -29.77 -35.88
N SER A 78 10.71 -29.67 -37.10
CA SER A 78 11.54 -29.71 -38.28
C SER A 78 11.52 -28.35 -38.97
N PHE A 79 12.56 -27.56 -38.73
CA PHE A 79 12.53 -26.15 -39.12
C PHE A 79 13.77 -25.73 -39.91
N THR A 80 13.61 -24.64 -40.65
CA THR A 80 14.71 -23.93 -41.27
C THR A 80 15.03 -22.69 -40.44
N LEU A 81 16.30 -22.46 -40.13
CA LEU A 81 16.67 -21.26 -39.39
C LEU A 81 16.86 -20.08 -40.33
N LEU A 82 16.28 -18.94 -40.00
CA LEU A 82 16.53 -17.72 -40.75
C LEU A 82 17.19 -16.67 -39.86
N HIS A 83 18.35 -16.17 -40.27
CA HIS A 83 19.05 -15.14 -39.52
C HIS A 83 18.50 -13.75 -39.86
N LEU A 84 18.11 -12.99 -38.84
CA LEU A 84 17.52 -11.67 -39.07
C LEU A 84 18.61 -10.60 -39.21
N PRO A 85 18.27 -9.46 -39.84
CA PRO A 85 19.20 -8.33 -39.97
C PRO A 85 19.41 -7.57 -38.67
N HIS A 86 18.47 -7.67 -37.74
CA HIS A 86 18.61 -7.06 -36.43
C HIS A 86 17.97 -7.96 -35.38
N TYR A 87 18.45 -7.88 -34.15
CA TYR A 87 17.84 -8.61 -33.04
C TYR A 87 16.39 -8.19 -32.86
N PHE A 88 15.52 -9.14 -32.54
CA PHE A 88 14.16 -8.77 -32.17
C PHE A 88 14.06 -8.64 -30.67
N HIS A 89 13.09 -7.87 -30.19
CA HIS A 89 12.65 -7.97 -28.81
C HIS A 89 11.15 -8.22 -28.75
N GLY A 90 10.74 -9.06 -27.79
CA GLY A 90 9.34 -9.22 -27.46
C GLY A 90 8.62 -10.30 -28.23
N CYS A 91 7.31 -10.31 -28.11
CA CYS A 91 6.49 -11.34 -28.74
C CYS A 91 5.37 -10.74 -29.56
N GLY A 92 5.60 -9.53 -30.06
CA GLY A 92 4.57 -8.80 -30.77
C GLY A 92 4.73 -8.69 -32.27
N HIS A 93 5.46 -9.63 -32.88
CA HIS A 93 5.68 -9.56 -34.33
C HIS A 93 4.49 -10.08 -35.09
N ALA A 94 4.50 -9.87 -36.40
CA ALA A 94 3.50 -10.44 -37.28
C ALA A 94 4.13 -10.73 -38.64
N VAL A 95 3.54 -11.69 -39.36
CA VAL A 95 3.97 -11.99 -40.71
C VAL A 95 2.89 -11.56 -41.66
N TYR A 96 3.25 -10.78 -42.69
CA TYR A 96 2.25 -10.42 -43.69
C TYR A 96 2.91 -10.25 -45.05
N ASN A 97 2.35 -10.93 -46.04
CA ASN A 97 2.86 -10.91 -47.39
C ASN A 97 4.33 -11.26 -47.45
N ASN A 98 4.67 -12.44 -46.92
CA ASN A 98 6.03 -12.97 -46.96
C ASN A 98 7.05 -12.04 -46.29
N SER A 99 6.60 -11.27 -45.30
CA SER A 99 7.50 -10.38 -44.57
C SER A 99 7.25 -10.42 -43.07
N LEU A 100 8.35 -10.42 -42.30
CA LEU A 100 8.23 -10.37 -40.85
C LEU A 100 8.33 -8.92 -40.35
N TYR A 101 7.31 -8.48 -39.60
CA TYR A 101 7.31 -7.16 -38.98
C TYR A 101 7.70 -7.31 -37.50
N TYR A 102 8.70 -6.58 -37.04
CA TYR A 102 9.11 -6.76 -35.65
C TYR A 102 9.88 -5.60 -35.05
N HIS A 103 9.90 -5.58 -33.73
CA HIS A 103 10.58 -4.56 -32.94
C HIS A 103 12.09 -4.85 -32.90
N LYS A 104 12.89 -3.89 -33.34
CA LYS A 104 14.36 -3.99 -33.24
C LYS A 104 14.80 -3.75 -31.80
N GLY A 105 15.31 -4.79 -31.15
CA GLY A 105 15.63 -4.72 -29.73
C GLY A 105 16.46 -3.51 -29.32
N GLY A 106 16.01 -2.78 -28.31
CA GLY A 106 16.73 -1.64 -27.78
C GLY A 106 16.66 -0.38 -28.62
N SER A 107 15.72 -0.33 -29.55
CA SER A 107 15.51 0.88 -30.35
C SER A 107 14.04 1.16 -30.50
N ASN A 108 13.68 2.35 -30.97
CA ASN A 108 12.29 2.59 -31.35
C ASN A 108 12.10 2.34 -32.85
N THR A 109 12.92 1.44 -33.40
CA THR A 109 12.82 1.08 -34.81
C THR A 109 11.97 -0.17 -35.01
N ILE A 110 11.07 -0.12 -35.98
CA ILE A 110 10.32 -1.31 -36.36
C ILE A 110 10.85 -1.81 -37.71
N VAL A 111 11.09 -3.11 -37.79
CA VAL A 111 11.71 -3.71 -38.98
C VAL A 111 10.70 -4.50 -39.82
N ARG A 112 10.72 -4.27 -41.13
CA ARG A 112 10.00 -5.12 -42.05
C ARG A 112 11.00 -5.93 -42.87
N PHE A 113 11.06 -7.23 -42.61
CA PHE A 113 12.04 -8.10 -43.23
C PHE A 113 11.35 -9.04 -44.21
N GLU A 114 11.59 -8.85 -45.51
CA GLU A 114 11.00 -9.75 -46.50
C GLU A 114 11.86 -11.00 -46.64
N PHE A 115 11.22 -12.15 -46.49
CA PHE A 115 11.92 -13.42 -46.28
C PHE A 115 12.88 -13.82 -47.42
N GLY A 116 12.59 -13.39 -48.64
CA GLY A 116 13.52 -13.65 -49.73
C GLY A 116 14.35 -12.44 -50.11
N LYS A 117 15.06 -11.87 -49.16
CA LYS A 117 15.74 -10.61 -49.42
C LYS A 117 16.76 -10.25 -48.35
N GLU A 118 17.65 -9.31 -48.67
CA GLU A 118 18.74 -8.92 -47.77
C GLU A 118 18.42 -7.67 -46.94
N THR A 119 18.01 -6.60 -47.60
CA THR A 119 17.84 -5.32 -46.92
C THR A 119 16.40 -5.09 -46.48
N PRO A 120 16.17 -5.12 -45.17
CA PRO A 120 14.83 -4.82 -44.64
C PRO A 120 14.46 -3.35 -44.83
N GLN A 121 13.20 -3.03 -44.62
CA GLN A 121 12.80 -1.65 -44.51
C GLN A 121 12.64 -1.35 -43.04
N THR A 122 12.83 -0.09 -42.66
CA THR A 122 12.68 0.29 -41.26
C THR A 122 11.87 1.56 -41.12
N LEU A 123 11.23 1.71 -39.97
CA LEU A 123 10.59 2.96 -39.59
C LEU A 123 10.86 3.20 -38.12
N LYS A 124 10.79 4.46 -37.70
CA LYS A 124 11.01 4.79 -36.30
C LYS A 124 9.74 5.37 -35.69
N LEU A 125 9.43 4.94 -34.46
CA LEU A 125 8.33 5.52 -33.72
C LEU A 125 8.91 6.40 -32.63
N GLU A 126 9.13 7.67 -32.98
CA GLU A 126 9.90 8.58 -32.16
C GLU A 126 9.36 8.80 -30.74
N ASN A 127 8.06 8.70 -30.55
CA ASN A 127 7.52 9.02 -29.24
C ASN A 127 6.92 7.79 -28.56
N ALA A 128 7.60 6.66 -28.73
CA ALA A 128 7.13 5.39 -28.18
C ALA A 128 8.09 4.88 -27.13
N LEU A 129 7.57 4.26 -26.08
CA LEU A 129 8.41 3.65 -25.07
C LEU A 129 9.12 2.48 -25.73
N TYR A 130 10.40 2.29 -25.42
CA TYR A 130 11.13 1.20 -26.08
C TYR A 130 12.27 0.61 -25.26
N PHE A 131 12.50 1.11 -24.05
CA PHE A 131 13.49 0.48 -23.19
C PHE A 131 13.22 0.74 -21.72
N ASP A 132 14.14 0.30 -20.87
CA ASP A 132 14.05 0.54 -19.44
C ASP A 132 12.81 -0.12 -18.80
N ARG A 133 12.29 -1.15 -19.46
CA ARG A 133 11.23 -1.99 -18.90
C ARG A 133 9.93 -1.22 -18.71
N LYS A 134 9.75 -0.18 -19.52
CA LYS A 134 8.49 0.54 -19.54
C LYS A 134 7.66 0.01 -20.70
N TYR A 135 7.15 -1.21 -20.52
CA TYR A 135 6.49 -1.96 -21.58
C TYR A 135 5.09 -1.47 -21.92
N LEU A 136 4.72 -1.64 -23.19
CA LEU A 136 3.32 -1.55 -23.61
C LEU A 136 2.53 -2.65 -22.89
N PHE A 137 2.95 -3.90 -23.10
CA PHE A 137 2.38 -5.07 -22.40
C PHE A 137 3.41 -5.72 -21.49
N ALA A 138 3.31 -5.44 -20.20
CA ALA A 138 4.28 -5.93 -19.22
C ALA A 138 4.29 -7.46 -19.07
N ASN A 139 3.12 -8.09 -19.21
CA ASN A 139 3.02 -9.54 -19.04
C ASN A 139 3.91 -10.29 -20.01
N SER A 140 4.10 -9.69 -21.18
CA SER A 140 4.89 -10.28 -22.25
C SER A 140 6.14 -9.45 -22.57
N LYS A 141 6.48 -8.51 -21.70
CA LYS A 141 7.63 -7.63 -21.90
C LYS A 141 7.69 -7.08 -23.32
N THR A 142 6.54 -6.63 -23.80
CA THR A 142 6.43 -6.15 -25.17
C THR A 142 6.30 -4.64 -25.23
N TYR A 143 7.01 -4.04 -26.19
CA TYR A 143 6.95 -2.61 -26.40
C TYR A 143 6.07 -2.24 -27.59
N PHE A 144 6.10 -3.08 -28.62
CA PHE A 144 5.29 -2.85 -29.82
C PHE A 144 4.57 -4.10 -30.23
N ASN A 145 3.33 -3.94 -30.68
CA ASN A 145 2.59 -5.05 -31.24
C ASN A 145 2.16 -4.69 -32.67
N ILE A 146 2.74 -5.38 -33.64
CA ILE A 146 2.32 -5.24 -35.03
C ILE A 146 1.11 -6.14 -35.29
N ALA A 147 0.10 -5.59 -35.93
CA ALA A 147 -1.11 -6.35 -36.22
C ALA A 147 -1.61 -6.06 -37.62
N VAL A 148 -2.11 -7.10 -38.28
CA VAL A 148 -2.62 -6.97 -39.64
C VAL A 148 -4.07 -7.47 -39.66
N ASP A 149 -4.97 -6.69 -40.23
CA ASP A 149 -6.34 -7.16 -40.36
C ASP A 149 -7.00 -6.64 -41.64
N GLU A 150 -8.32 -6.72 -41.71
CA GLU A 150 -9.06 -6.39 -42.92
C GLU A 150 -9.00 -4.90 -43.25
N LYS A 151 -8.63 -4.08 -42.27
CA LYS A 151 -8.68 -2.63 -42.47
C LYS A 151 -7.30 -1.97 -42.54
N GLY A 152 -6.24 -2.72 -42.34
CA GLY A 152 -4.91 -2.18 -42.53
C GLY A 152 -3.81 -2.83 -41.71
N ILE A 153 -2.66 -2.17 -41.69
CA ILE A 153 -1.50 -2.65 -40.95
C ILE A 153 -1.25 -1.68 -39.80
N TRP A 154 -1.13 -2.22 -38.60
CA TRP A 154 -1.18 -1.41 -37.39
C TRP A 154 -0.02 -1.71 -36.46
N ILE A 155 0.50 -0.67 -35.81
CA ILE A 155 1.48 -0.87 -34.76
C ILE A 155 1.00 -0.26 -33.45
N ILE A 156 0.70 -1.14 -32.50
CA ILE A 156 0.31 -0.71 -31.17
C ILE A 156 1.54 -0.37 -30.35
N TYR A 157 1.53 0.79 -29.71
CA TYR A 157 2.61 1.17 -28.80
C TYR A 157 2.13 2.04 -27.65
N ALA A 158 3.04 2.37 -26.75
CA ALA A 158 2.73 3.19 -25.59
C ALA A 158 3.53 4.49 -25.63
N SER A 159 2.89 5.60 -25.29
CA SER A 159 3.51 6.92 -25.43
C SER A 159 4.69 7.16 -24.49
N SER A 160 5.81 7.64 -25.05
CA SER A 160 6.94 8.04 -24.21
C SER A 160 6.79 9.51 -23.80
N VAL A 161 5.68 10.14 -24.21
CA VAL A 161 5.36 11.49 -23.76
C VAL A 161 4.77 11.43 -22.35
N ASP A 162 3.69 10.65 -22.17
CA ASP A 162 3.04 10.57 -20.86
C ASP A 162 3.33 9.22 -20.18
N GLY A 163 4.08 8.37 -20.85
CA GLY A 163 4.50 7.10 -20.29
C GLY A 163 3.35 6.15 -19.99
N SER A 164 2.20 6.35 -20.62
CA SER A 164 1.00 5.60 -20.26
C SER A 164 0.05 5.26 -21.41
N SER A 165 -0.32 6.28 -22.19
CA SER A 165 -1.37 6.13 -23.19
C SER A 165 -1.04 5.12 -24.28
N ILE A 166 -2.02 4.29 -24.63
CA ILE A 166 -1.86 3.35 -25.73
C ILE A 166 -2.25 4.02 -27.05
N LEU A 167 -1.32 4.00 -28.01
CA LEU A 167 -1.58 4.49 -29.35
C LEU A 167 -1.43 3.39 -30.39
N VAL A 168 -1.99 3.63 -31.56
CA VAL A 168 -1.91 2.71 -32.68
C VAL A 168 -1.49 3.50 -33.90
N ALA A 169 -0.33 3.18 -34.46
CA ALA A 169 0.13 3.77 -35.69
C ALA A 169 -0.51 3.06 -36.85
N GLN A 170 -1.15 3.81 -37.74
CA GLN A 170 -1.71 3.22 -38.95
C GLN A 170 -0.67 3.34 -40.04
N LEU A 171 -0.37 2.25 -40.74
CA LEU A 171 0.73 2.26 -41.70
C LEU A 171 0.28 2.40 -43.15
N ASP A 172 1.18 2.91 -43.97
CA ASP A 172 1.08 2.73 -45.42
C ASP A 172 1.92 1.51 -45.80
N GLU A 173 1.28 0.52 -46.41
CA GLU A 173 1.95 -0.73 -46.72
C GLU A 173 3.11 -0.57 -47.70
N ARG A 174 2.90 0.20 -48.77
CA ARG A 174 3.93 0.32 -49.79
C ARG A 174 5.21 0.93 -49.25
N THR A 175 5.09 2.05 -48.53
CA THR A 175 6.25 2.80 -48.09
C THR A 175 6.76 2.39 -46.72
N PHE A 176 6.01 1.51 -46.05
CA PHE A 176 6.32 1.14 -44.67
C PHE A 176 6.58 2.41 -43.85
N SER A 177 5.59 3.30 -43.84
CA SER A 177 5.67 4.55 -43.10
C SER A 177 4.35 4.78 -42.36
N VAL A 178 4.38 5.66 -41.36
CA VAL A 178 3.19 5.91 -40.55
C VAL A 178 2.36 7.04 -41.14
N THR A 179 1.06 6.80 -41.31
CA THR A 179 0.23 7.83 -41.89
C THR A 179 -0.63 8.50 -40.82
N GLN A 180 -0.80 7.83 -39.69
CA GLN A 180 -1.61 8.40 -38.61
C GLN A 180 -1.23 7.77 -37.26
N HIS A 181 -1.16 8.60 -36.23
CA HIS A 181 -1.02 8.11 -34.87
C HIS A 181 -2.34 8.27 -34.14
N ILE A 182 -2.97 7.15 -33.80
CA ILE A 182 -4.29 7.18 -33.16
C ILE A 182 -4.17 7.01 -31.65
N ASN A 183 -4.62 8.01 -30.91
CA ASN A 183 -4.57 7.94 -29.45
C ASN A 183 -5.86 7.37 -28.89
N THR A 184 -5.77 6.22 -28.23
CA THR A 184 -6.94 5.61 -27.60
C THR A 184 -7.22 6.25 -26.23
N THR A 185 -6.19 6.88 -25.68
CA THR A 185 -6.17 7.41 -24.31
C THR A 185 -6.23 6.33 -23.24
N TYR A 186 -6.25 5.06 -23.63
CA TYR A 186 -6.35 3.99 -22.65
C TYR A 186 -5.00 3.77 -21.98
N PRO A 187 -4.99 3.74 -20.64
CA PRO A 187 -3.70 3.55 -19.97
C PRO A 187 -3.21 2.10 -20.05
N LYS A 188 -1.91 1.93 -20.31
CA LYS A 188 -1.33 0.61 -20.53
C LYS A 188 -1.38 -0.22 -19.25
N SER A 189 -1.45 0.46 -18.12
CA SER A 189 -1.56 -0.22 -16.83
C SER A 189 -2.83 -1.05 -16.73
N LYS A 190 -3.83 -0.73 -17.54
CA LYS A 190 -5.07 -1.53 -17.52
C LYS A 190 -5.06 -2.63 -18.58
N ALA A 191 -4.02 -2.67 -19.40
CA ALA A 191 -4.00 -3.60 -20.54
C ALA A 191 -3.18 -4.84 -20.27
N GLY A 192 -3.75 -6.01 -20.55
CA GLY A 192 -2.98 -7.24 -20.49
C GLY A 192 -2.28 -7.46 -21.82
N ASN A 193 -3.05 -7.35 -22.88
CA ASN A 193 -2.55 -7.58 -24.23
C ASN A 193 -3.61 -7.08 -25.18
N ALA A 194 -3.47 -7.34 -26.48
CA ALA A 194 -4.46 -6.84 -27.42
C ALA A 194 -4.35 -7.48 -28.78
N PHE A 195 -5.38 -7.28 -29.60
CA PHE A 195 -5.38 -7.70 -30.99
C PHE A 195 -6.34 -6.81 -31.76
N ILE A 196 -6.24 -6.84 -33.08
CA ILE A 196 -7.06 -5.97 -33.89
C ILE A 196 -7.79 -6.79 -34.94
N ALA A 197 -9.09 -6.59 -35.07
CA ALA A 197 -9.87 -7.33 -36.04
C ALA A 197 -10.92 -6.42 -36.66
N ARG A 198 -11.02 -6.47 -37.99
CA ARG A 198 -11.92 -5.60 -38.72
C ARG A 198 -11.84 -4.13 -38.26
N GLY A 199 -10.63 -3.63 -38.07
CA GLY A 199 -10.46 -2.22 -37.76
C GLY A 199 -10.83 -1.82 -36.34
N ILE A 200 -11.07 -2.81 -35.49
CA ILE A 200 -11.37 -2.54 -34.10
C ILE A 200 -10.28 -3.07 -33.19
N LEU A 201 -9.76 -2.22 -32.31
CA LEU A 201 -8.76 -2.66 -31.34
C LEU A 201 -9.42 -3.28 -30.11
N TYR A 202 -8.98 -4.48 -29.75
CA TYR A 202 -9.52 -5.17 -28.58
C TYR A 202 -8.42 -5.38 -27.56
N VAL A 203 -8.66 -4.94 -26.33
CA VAL A 203 -7.64 -5.00 -25.28
C VAL A 203 -8.11 -5.86 -24.10
N THR A 204 -7.23 -6.74 -23.65
CA THR A 204 -7.57 -7.62 -22.52
C THR A 204 -7.30 -6.96 -21.17
N ASP A 205 -7.93 -7.49 -20.13
CA ASP A 205 -7.63 -7.11 -18.75
C ASP A 205 -6.23 -7.57 -18.36
N THR A 206 -5.72 -7.09 -17.23
CA THR A 206 -4.36 -7.42 -16.80
C THR A 206 -4.13 -8.91 -16.53
N LYS A 207 -5.21 -9.65 -16.29
CA LYS A 207 -5.11 -11.10 -16.08
C LYS A 207 -5.15 -11.84 -17.42
N ASP A 208 -5.44 -11.10 -18.49
CA ASP A 208 -5.47 -11.66 -19.84
C ASP A 208 -6.50 -12.79 -20.02
N THR A 209 -7.70 -12.64 -19.48
CA THR A 209 -8.72 -13.66 -19.70
C THR A 209 -10.05 -13.08 -20.22
N ARG A 210 -10.19 -11.76 -20.13
CA ARG A 210 -11.38 -11.09 -20.64
C ARG A 210 -10.98 -9.89 -21.49
N VAL A 211 -11.75 -9.59 -22.53
CA VAL A 211 -11.56 -8.34 -23.24
C VAL A 211 -12.46 -7.32 -22.57
N THR A 212 -11.90 -6.21 -22.11
CA THR A 212 -12.68 -5.25 -21.34
C THR A 212 -12.66 -3.83 -21.91
N PHE A 213 -11.94 -3.65 -23.02
CA PHE A 213 -11.83 -2.34 -23.68
C PHE A 213 -11.71 -2.55 -25.18
N ALA A 214 -12.29 -1.64 -25.95
CA ALA A 214 -12.20 -1.71 -27.40
C ALA A 214 -12.23 -0.30 -28.00
N PHE A 215 -11.67 -0.15 -29.19
CA PHE A 215 -11.55 1.18 -29.79
C PHE A 215 -11.70 1.04 -31.29
N ASP A 216 -12.64 1.78 -31.85
CA ASP A 216 -12.85 1.80 -33.29
C ASP A 216 -11.79 2.69 -33.91
N LEU A 217 -10.77 2.09 -34.51
CA LEU A 217 -9.59 2.83 -34.95
C LEU A 217 -9.90 3.90 -36.01
N LEU A 218 -10.67 3.54 -37.04
CA LEU A 218 -10.97 4.52 -38.09
C LEU A 218 -12.05 5.50 -37.69
N GLY A 219 -12.88 5.11 -36.72
CA GLY A 219 -13.90 6.00 -36.20
C GLY A 219 -13.36 6.87 -35.09
N GLY A 220 -12.15 6.55 -34.63
CA GLY A 220 -11.53 7.26 -33.53
C GLY A 220 -12.43 7.42 -32.32
N LYS A 221 -13.02 6.31 -31.85
CA LYS A 221 -13.86 6.38 -30.67
C LYS A 221 -13.88 5.05 -29.92
N GLN A 222 -14.02 5.16 -28.60
CA GLN A 222 -14.15 3.98 -27.76
C GLN A 222 -15.46 3.28 -28.09
N ILE A 223 -15.49 1.96 -27.94
CA ILE A 223 -16.75 1.23 -28.05
C ILE A 223 -16.81 0.17 -26.98
N ASN A 224 -18.03 -0.23 -26.59
CA ASN A 224 -18.18 -1.19 -25.52
C ASN A 224 -17.74 -2.57 -25.95
N ALA A 225 -16.91 -3.20 -25.10
CA ALA A 225 -16.56 -4.59 -25.28
C ALA A 225 -16.32 -5.25 -23.94
N ASN A 226 -17.11 -6.27 -23.66
CA ASN A 226 -16.95 -7.09 -22.47
C ASN A 226 -17.29 -8.52 -22.81
N PHE A 227 -16.29 -9.34 -23.08
CA PHE A 227 -16.54 -10.74 -23.33
C PHE A 227 -15.35 -11.56 -22.92
N ASP A 228 -15.61 -12.83 -22.56
CA ASP A 228 -14.56 -13.73 -22.13
C ASP A 228 -13.65 -14.06 -23.28
N PHE A 229 -12.35 -14.12 -23.00
CA PHE A 229 -11.36 -14.57 -23.98
C PHE A 229 -11.03 -16.04 -23.71
N ARG A 230 -10.66 -16.35 -22.47
CA ARG A 230 -10.23 -17.71 -22.14
C ARG A 230 -10.35 -17.96 -20.65
N MET A 231 -10.39 -19.24 -20.25
CA MET A 231 -10.53 -19.58 -18.84
C MET A 231 -9.17 -19.68 -18.15
N SER A 232 -8.18 -20.20 -18.85
CA SER A 232 -6.84 -20.31 -18.30
C SER A 232 -6.28 -18.94 -17.96
N GLN A 233 -5.55 -18.88 -16.85
CA GLN A 233 -4.86 -17.66 -16.47
C GLN A 233 -3.35 -17.81 -16.60
N SER A 234 -2.91 -18.86 -17.29
CA SER A 234 -1.49 -19.08 -17.51
C SER A 234 -0.93 -17.89 -18.30
N VAL A 235 0.35 -17.56 -18.07
CA VAL A 235 0.94 -16.36 -18.66
C VAL A 235 0.80 -16.36 -20.17
N LEU A 236 0.46 -15.19 -20.72
CA LEU A 236 0.16 -15.03 -22.14
C LEU A 236 1.27 -14.28 -22.84
N ALA A 237 1.95 -14.95 -23.76
CA ALA A 237 3.07 -14.35 -24.45
C ALA A 237 2.66 -13.55 -25.69
N MET A 238 1.80 -14.14 -26.52
CA MET A 238 1.46 -13.57 -27.82
C MET A 238 -0.05 -13.71 -28.05
N LEU A 239 -0.67 -12.65 -28.56
CA LEU A 239 -2.08 -12.69 -28.93
C LEU A 239 -2.26 -11.90 -30.21
N SER A 240 -2.78 -12.57 -31.24
CA SER A 240 -2.78 -12.00 -32.58
C SER A 240 -3.95 -12.54 -33.41
N TYR A 241 -4.61 -11.63 -34.12
CA TYR A 241 -5.71 -12.00 -35.00
C TYR A 241 -5.18 -12.25 -36.41
N ASN A 242 -5.60 -13.35 -37.03
CA ASN A 242 -5.22 -13.66 -38.40
C ASN A 242 -6.44 -13.56 -39.29
N MET A 243 -6.45 -12.60 -40.22
CA MET A 243 -7.64 -12.33 -41.01
C MET A 243 -7.93 -13.41 -42.06
N ARG A 244 -6.93 -14.22 -42.38
CA ARG A 244 -7.12 -15.27 -43.38
C ARG A 244 -8.07 -16.38 -42.87
N ASP A 245 -7.93 -16.75 -41.60
CA ASP A 245 -8.84 -17.75 -41.03
C ASP A 245 -9.71 -17.19 -39.92
N GLN A 246 -9.58 -15.89 -39.66
CA GLN A 246 -10.40 -15.24 -38.65
C GLN A 246 -10.27 -15.94 -37.30
N HIS A 247 -9.07 -16.42 -37.00
CA HIS A 247 -8.79 -17.03 -35.69
C HIS A 247 -7.83 -16.19 -34.88
N LEU A 248 -7.94 -16.28 -33.56
CA LEU A 248 -6.92 -15.73 -32.67
C LEU A 248 -5.81 -16.74 -32.48
N TYR A 249 -4.58 -16.29 -32.71
CA TYR A 249 -3.40 -17.10 -32.44
C TYR A 249 -2.78 -16.64 -31.12
N SER A 250 -2.45 -17.59 -30.25
CA SER A 250 -1.80 -17.21 -29.01
C SER A 250 -0.68 -18.17 -28.62
N TRP A 251 0.18 -17.69 -27.72
CA TRP A 251 1.24 -18.48 -27.12
C TRP A 251 1.11 -18.32 -25.60
N GLU A 252 0.71 -19.40 -24.94
CA GLU A 252 0.39 -19.34 -23.52
C GLU A 252 1.19 -20.37 -22.74
N ASP A 253 2.21 -19.88 -22.04
CA ASP A 253 3.04 -20.73 -21.19
C ASP A 253 3.52 -21.96 -21.97
N GLY A 254 3.99 -21.74 -23.19
CA GLY A 254 4.51 -22.81 -24.01
C GLY A 254 3.45 -23.56 -24.81
N HIS A 255 2.20 -23.14 -24.66
CA HIS A 255 1.10 -23.76 -25.40
C HIS A 255 0.69 -22.93 -26.60
N LEU A 256 0.78 -23.50 -27.80
CA LEU A 256 0.35 -22.83 -29.00
C LEU A 256 -1.15 -23.07 -29.27
N MET A 257 -1.94 -22.01 -29.19
CA MET A 257 -3.40 -22.10 -29.26
C MET A 257 -4.03 -21.39 -30.46
N LEU A 258 -5.18 -21.90 -30.90
CA LEU A 258 -6.04 -21.25 -31.89
C LEU A 258 -7.45 -21.05 -31.33
N TYR A 259 -7.95 -19.82 -31.38
CA TYR A 259 -9.33 -19.53 -30.95
C TYR A 259 -10.20 -19.08 -32.14
N PRO A 260 -11.37 -19.69 -32.33
CA PRO A 260 -12.27 -19.12 -33.33
C PRO A 260 -12.95 -17.88 -32.78
N VAL A 261 -13.29 -16.93 -33.63
CA VAL A 261 -14.01 -15.76 -33.13
C VAL A 261 -15.37 -15.67 -33.80
N GLN A 262 -16.33 -15.13 -33.07
CA GLN A 262 -17.67 -14.95 -33.57
C GLN A 262 -17.95 -13.46 -33.75
N PHE A 263 -18.23 -13.05 -34.99
CA PHE A 263 -18.63 -11.67 -35.27
C PHE A 263 -20.14 -11.50 -35.19
N LEU A 264 -20.59 -10.29 -34.89
CA LEU A 264 -22.02 -10.01 -34.84
C LEU A 264 -22.60 -9.97 -36.25
N SER B 21 -18.57 -16.44 -0.85
CA SER B 21 -19.16 -17.46 0.01
C SER B 21 -18.23 -17.83 1.16
N MET B 22 -18.81 -18.02 2.35
CA MET B 22 -18.03 -18.28 3.55
C MET B 22 -18.05 -19.76 3.93
N ILE B 23 -17.14 -20.11 4.82
CA ILE B 23 -17.08 -21.47 5.37
C ILE B 23 -18.03 -21.61 6.55
N THR B 24 -18.81 -22.68 6.57
CA THR B 24 -19.77 -22.91 7.65
C THR B 24 -19.25 -23.92 8.67
N SER B 25 -18.40 -24.82 8.22
CA SER B 25 -17.82 -25.82 9.12
C SER B 25 -16.60 -26.52 8.53
N ILE B 26 -15.84 -27.16 9.41
CA ILE B 26 -14.71 -27.98 9.02
C ILE B 26 -15.02 -29.43 9.38
N GLY B 27 -14.80 -30.35 8.46
CA GLY B 27 -15.06 -31.75 8.72
C GLY B 27 -14.01 -32.41 9.58
N ASN B 28 -14.23 -33.68 9.91
CA ASN B 28 -13.23 -34.47 10.63
C ASN B 28 -12.02 -34.70 9.75
N PRO B 29 -10.84 -34.77 10.35
CA PRO B 29 -9.63 -34.82 9.52
C PRO B 29 -9.27 -36.22 9.07
N ALA B 30 -8.50 -36.27 7.99
CA ALA B 30 -7.81 -37.48 7.58
C ALA B 30 -6.35 -37.34 7.99
N GLN B 31 -5.79 -38.34 8.67
CA GLN B 31 -4.36 -38.33 8.93
C GLN B 31 -3.65 -39.00 7.79
N VAL B 32 -2.59 -38.36 7.32
CA VAL B 32 -1.84 -38.87 6.19
C VAL B 32 -0.57 -39.54 6.66
N LEU B 33 0.02 -38.99 7.71
CA LEU B 33 1.30 -39.51 8.20
C LEU B 33 1.63 -38.94 9.58
N LYS B 34 2.38 -39.71 10.36
CA LYS B 34 2.94 -39.23 11.61
C LYS B 34 4.46 -39.32 11.54
N VAL B 35 5.15 -38.21 11.81
CA VAL B 35 6.61 -38.21 11.79
C VAL B 35 7.13 -37.74 13.14
N ARG B 36 8.45 -37.81 13.31
CA ARG B 36 9.08 -37.42 14.56
C ARG B 36 9.25 -35.91 14.67
N GLU B 37 9.40 -35.23 13.53
CA GLU B 37 9.58 -33.79 13.53
C GLU B 37 8.31 -33.10 14.00
N THR B 38 8.41 -32.39 15.12
CA THR B 38 7.26 -31.74 15.74
C THR B 38 6.67 -30.65 14.85
N PHE B 39 7.55 -29.83 14.29
CA PHE B 39 7.15 -28.74 13.41
C PHE B 39 7.66 -28.98 12.01
N GLY B 40 6.87 -28.56 11.03
CA GLY B 40 7.25 -28.65 9.64
C GLY B 40 6.10 -28.22 8.77
N THR B 41 6.26 -28.36 7.46
CA THR B 41 5.18 -28.05 6.54
C THR B 41 5.10 -29.15 5.50
N TRP B 42 3.89 -29.47 5.06
CA TRP B 42 3.77 -30.28 3.86
C TRP B 42 2.85 -29.56 2.89
N MET B 43 3.20 -29.63 1.61
CA MET B 43 2.61 -28.78 0.60
C MET B 43 2.41 -29.51 -0.72
N ARG B 44 1.27 -29.27 -1.35
CA ARG B 44 0.97 -29.76 -2.68
C ARG B 44 0.69 -28.61 -3.63
N GLU B 45 0.76 -28.87 -4.93
CA GLU B 45 0.39 -27.87 -5.92
C GLU B 45 -1.08 -27.48 -5.74
N SER B 46 -1.39 -26.20 -5.94
CA SER B 46 -2.78 -25.76 -5.89
C SER B 46 -3.22 -25.18 -7.24
N ALA B 47 -2.27 -24.95 -8.15
CA ALA B 47 -2.62 -24.54 -9.50
C ALA B 47 -3.47 -25.60 -10.19
N ASN B 48 -4.27 -25.17 -11.15
CA ASN B 48 -5.09 -26.09 -11.93
C ASN B 48 -4.21 -27.01 -12.76
N LYS B 49 -3.46 -27.87 -12.07
CA LYS B 49 -2.48 -28.72 -12.75
C LYS B 49 -2.59 -30.16 -12.30
N SER B 50 -2.16 -31.07 -13.18
CA SER B 50 -1.89 -32.44 -12.78
C SER B 50 -0.49 -32.45 -12.18
N ASP B 51 -0.40 -32.86 -10.91
CA ASP B 51 0.87 -32.87 -10.19
C ASP B 51 0.67 -33.52 -8.82
N ASP B 52 1.19 -34.72 -8.65
CA ASP B 52 1.03 -35.45 -7.40
C ASP B 52 2.10 -35.12 -6.36
N ARG B 53 3.04 -34.26 -6.70
CA ARG B 53 4.20 -34.05 -5.84
C ARG B 53 3.84 -33.44 -4.49
N ILE B 54 4.69 -33.72 -3.51
CA ILE B 54 4.56 -33.16 -2.17
C ILE B 54 5.90 -32.60 -1.74
N TRP B 55 5.87 -31.39 -1.19
CA TRP B 55 7.08 -30.78 -0.66
C TRP B 55 6.98 -30.62 0.86
N VAL B 56 8.09 -30.90 1.54
CA VAL B 56 8.13 -30.86 2.99
C VAL B 56 9.34 -30.08 3.48
N THR B 57 9.13 -29.19 4.45
CA THR B 57 10.25 -28.63 5.19
C THR B 57 10.13 -29.11 6.61
N GLU B 58 11.25 -29.17 7.31
CA GLU B 58 11.28 -29.64 8.68
C GLU B 58 11.88 -28.60 9.61
N HIS B 59 11.38 -28.54 10.84
CA HIS B 59 11.86 -27.59 11.84
C HIS B 59 11.54 -26.13 11.47
N PHE B 60 12.19 -25.19 12.16
CA PHE B 60 11.87 -23.78 12.03
C PHE B 60 12.74 -23.05 11.03
N SER B 61 13.83 -23.70 10.61
CA SER B 61 14.74 -23.12 9.64
C SER B 61 15.59 -24.18 8.96
N GLY B 62 16.01 -23.87 7.73
CA GLY B 62 16.91 -24.74 6.98
C GLY B 62 17.11 -24.17 5.60
N ILE B 63 17.84 -24.89 4.76
CA ILE B 63 18.07 -24.44 3.39
C ILE B 63 17.77 -25.58 2.43
N MET B 64 17.13 -26.63 2.96
CA MET B 64 16.72 -27.80 2.18
C MET B 64 15.21 -28.01 2.18
N VAL B 65 14.68 -28.40 1.03
CA VAL B 65 13.31 -28.87 0.91
C VAL B 65 13.31 -30.33 0.43
N LYS B 66 12.43 -31.15 1.01
CA LYS B 66 12.24 -32.52 0.56
C LYS B 66 11.13 -32.57 -0.49
N GLU B 67 11.39 -33.15 -1.64
CA GLU B 67 10.35 -33.34 -2.65
C GLU B 67 10.00 -34.81 -2.84
N PHE B 68 8.71 -35.12 -2.65
CA PHE B 68 8.18 -36.47 -2.83
C PHE B 68 7.38 -36.51 -4.13
N LYS B 69 7.52 -37.57 -4.91
CA LYS B 69 6.87 -37.57 -6.22
C LYS B 69 5.38 -37.85 -6.08
N ASP B 70 4.99 -38.48 -4.98
CA ASP B 70 3.59 -38.76 -4.70
C ASP B 70 3.41 -39.17 -3.24
N LEU B 71 2.18 -39.50 -2.86
CA LEU B 71 1.86 -39.83 -1.47
C LEU B 71 2.54 -41.11 -1.00
N PRO B 72 2.52 -42.17 -1.83
CA PRO B 72 3.28 -43.38 -1.47
C PRO B 72 4.73 -43.07 -1.16
N ALA B 73 5.36 -42.20 -1.95
CA ALA B 73 6.74 -41.81 -1.68
C ALA B 73 6.90 -41.17 -0.31
N LEU B 74 5.97 -40.30 0.06
CA LEU B 74 6.00 -39.67 1.38
C LEU B 74 5.83 -40.73 2.46
N LEU B 75 4.84 -41.61 2.28
CA LEU B 75 4.59 -42.68 3.25
C LEU B 75 5.83 -43.55 3.47
N ASN B 76 6.68 -43.62 2.46
CA ASN B 76 7.85 -44.49 2.52
C ASN B 76 9.16 -43.72 2.64
N SER B 77 9.05 -42.44 2.98
CA SER B 77 10.21 -41.57 3.18
C SER B 77 11.17 -41.61 2.01
N SER B 78 10.63 -41.57 0.79
CA SER B 78 11.45 -41.58 -0.40
C SER B 78 11.41 -40.24 -1.10
N PHE B 79 12.47 -39.45 -0.94
CA PHE B 79 12.44 -38.06 -1.36
C PHE B 79 13.67 -37.63 -2.16
N THR B 80 13.48 -36.56 -2.92
CA THR B 80 14.56 -35.84 -3.58
C THR B 80 14.85 -34.56 -2.79
N LEU B 81 16.12 -34.26 -2.55
CA LEU B 81 16.47 -33.04 -1.84
C LEU B 81 16.64 -31.86 -2.80
N LEU B 82 16.06 -30.72 -2.44
CA LEU B 82 16.26 -29.49 -3.18
C LEU B 82 17.01 -28.49 -2.32
N HIS B 83 18.12 -27.96 -2.83
CA HIS B 83 18.84 -26.91 -2.13
C HIS B 83 18.20 -25.56 -2.47
N LEU B 84 17.85 -24.78 -1.46
CA LEU B 84 17.22 -23.48 -1.70
C LEU B 84 18.29 -22.38 -1.89
N PRO B 85 17.91 -21.26 -2.52
CA PRO B 85 18.82 -20.12 -2.72
C PRO B 85 19.05 -19.32 -1.45
N HIS B 86 18.12 -19.42 -0.51
CA HIS B 86 18.22 -18.76 0.79
C HIS B 86 17.57 -19.63 1.87
N TYR B 87 18.10 -19.55 3.09
CA TYR B 87 17.48 -20.19 4.25
C TYR B 87 16.03 -19.77 4.46
N PHE B 88 15.17 -20.73 4.79
CA PHE B 88 13.81 -20.38 5.18
C PHE B 88 13.72 -20.22 6.69
N HIS B 89 12.72 -19.46 7.13
CA HIS B 89 12.28 -19.55 8.50
C HIS B 89 10.79 -19.85 8.60
N GLY B 90 10.42 -20.63 9.61
CA GLY B 90 9.03 -20.80 9.95
C GLY B 90 8.34 -21.90 9.18
N CYS B 91 7.01 -21.89 9.25
CA CYS B 91 6.19 -22.95 8.68
C CYS B 91 5.08 -22.37 7.81
N GLY B 92 5.25 -21.13 7.37
CA GLY B 92 4.20 -20.46 6.63
C GLY B 92 4.39 -20.43 5.14
N HIS B 93 5.14 -21.39 4.59
CA HIS B 93 5.39 -21.40 3.15
C HIS B 93 4.18 -21.93 2.40
N ALA B 94 4.22 -21.78 1.07
CA ALA B 94 3.19 -22.32 0.21
C ALA B 94 3.79 -22.57 -1.15
N VAL B 95 3.24 -23.55 -1.86
CA VAL B 95 3.70 -23.86 -3.20
C VAL B 95 2.61 -23.49 -4.18
N TYR B 96 2.98 -22.76 -5.23
CA TYR B 96 2.01 -22.43 -6.26
C TYR B 96 2.68 -22.26 -7.61
N ASN B 97 2.15 -22.99 -8.59
CA ASN B 97 2.67 -22.97 -9.94
C ASN B 97 4.15 -23.35 -10.00
N ASN B 98 4.48 -24.49 -9.40
CA ASN B 98 5.82 -25.06 -9.40
C ASN B 98 6.83 -24.12 -8.76
N SER B 99 6.37 -23.30 -7.84
CA SER B 99 7.25 -22.36 -7.12
C SER B 99 6.96 -22.36 -5.63
N LEU B 100 8.04 -22.32 -4.83
CA LEU B 100 7.92 -22.24 -3.38
C LEU B 100 7.98 -20.78 -2.92
N TYR B 101 6.95 -20.34 -2.21
CA TYR B 101 6.92 -19.00 -1.64
C TYR B 101 7.30 -19.11 -0.16
N TYR B 102 8.34 -18.41 0.27
CA TYR B 102 8.75 -18.55 1.66
C TYR B 102 9.50 -17.37 2.23
N HIS B 103 9.46 -17.29 3.56
CA HIS B 103 10.16 -16.26 4.32
C HIS B 103 11.67 -16.53 4.38
N LYS B 104 12.47 -15.58 3.90
CA LYS B 104 13.93 -15.64 4.04
C LYS B 104 14.36 -15.32 5.47
N GLY B 105 14.84 -16.34 6.18
CA GLY B 105 15.19 -16.17 7.58
C GLY B 105 16.07 -14.97 7.91
N GLY B 106 15.68 -14.23 8.95
CA GLY B 106 16.47 -13.09 9.41
C GLY B 106 16.31 -11.82 8.59
N SER B 107 15.34 -11.81 7.68
CA SER B 107 15.11 -10.62 6.87
C SER B 107 13.62 -10.39 6.69
N ASN B 108 13.24 -9.21 6.20
CA ASN B 108 11.86 -8.99 5.80
C ASN B 108 11.72 -9.23 4.31
N THR B 109 12.48 -10.20 3.81
CA THR B 109 12.42 -10.58 2.42
C THR B 109 11.59 -11.85 2.21
N ILE B 110 10.72 -11.82 1.22
CA ILE B 110 9.98 -13.01 0.81
C ILE B 110 10.54 -13.53 -0.50
N VAL B 111 10.71 -14.84 -0.57
CA VAL B 111 11.35 -15.47 -1.72
C VAL B 111 10.34 -16.27 -2.53
N ARG B 112 10.35 -16.09 -3.84
CA ARG B 112 9.66 -17.03 -4.71
C ARG B 112 10.69 -17.81 -5.51
N PHE B 113 10.73 -19.11 -5.26
CA PHE B 113 11.70 -20.00 -5.87
C PHE B 113 11.00 -21.00 -6.78
N GLU B 114 11.16 -20.83 -8.09
CA GLU B 114 10.58 -21.76 -9.05
C GLU B 114 11.45 -23.00 -9.16
N PHE B 115 10.86 -24.16 -8.87
CA PHE B 115 11.61 -25.41 -8.89
C PHE B 115 12.20 -25.64 -10.28
N GLY B 116 13.53 -25.78 -10.33
CA GLY B 116 14.23 -25.94 -11.59
C GLY B 116 14.62 -24.62 -12.22
N LYS B 117 15.04 -23.68 -11.37
CA LYS B 117 15.46 -22.37 -11.84
C LYS B 117 16.44 -21.74 -10.85
N GLU B 118 17.56 -21.24 -11.35
CA GLU B 118 18.64 -20.79 -10.49
C GLU B 118 18.24 -19.61 -9.63
N THR B 119 17.82 -18.53 -10.29
CA THR B 119 17.59 -17.27 -9.59
C THR B 119 16.12 -17.09 -9.22
N PRO B 120 15.85 -16.94 -7.93
CA PRO B 120 14.48 -16.68 -7.47
C PRO B 120 14.11 -15.22 -7.64
N GLN B 121 12.85 -14.90 -7.39
CA GLN B 121 12.46 -13.51 -7.29
C GLN B 121 12.35 -13.21 -5.80
N THR B 122 12.43 -11.94 -5.45
CA THR B 122 12.29 -11.56 -4.06
C THR B 122 11.49 -10.28 -3.94
N LEU B 123 10.86 -10.10 -2.78
CA LEU B 123 10.20 -8.82 -2.47
C LEU B 123 10.42 -8.50 -1.00
N LYS B 124 10.28 -7.25 -0.64
CA LYS B 124 10.50 -6.86 0.75
C LYS B 124 9.21 -6.36 1.35
N LEU B 125 8.93 -6.76 2.59
CA LEU B 125 7.82 -6.18 3.36
C LEU B 125 8.40 -5.30 4.44
N GLU B 126 8.55 -4.00 4.14
CA GLU B 126 9.39 -3.12 4.94
C GLU B 126 8.87 -2.79 6.34
N ASN B 127 7.56 -2.92 6.55
CA ASN B 127 6.99 -2.58 7.86
C ASN B 127 6.37 -3.78 8.55
N ALA B 128 7.03 -4.92 8.38
CA ALA B 128 6.59 -6.19 8.95
C ALA B 128 7.58 -6.67 9.99
N LEU B 129 7.06 -7.33 11.02
CA LEU B 129 7.93 -7.92 12.03
C LEU B 129 8.69 -9.07 11.39
N TYR B 130 9.96 -9.25 11.72
CA TYR B 130 10.69 -10.37 11.12
C TYR B 130 11.82 -10.97 11.95
N PHE B 131 12.09 -10.43 13.14
CA PHE B 131 13.12 -11.03 13.98
C PHE B 131 12.87 -10.74 15.45
N ASP B 132 13.78 -11.18 16.31
CA ASP B 132 13.68 -10.88 17.73
C ASP B 132 12.43 -11.52 18.36
N ARG B 133 11.95 -12.58 17.71
CA ARG B 133 10.91 -13.43 18.29
C ARG B 133 9.61 -12.68 18.53
N LYS B 134 9.36 -11.66 17.72
CA LYS B 134 8.07 -11.01 17.71
C LYS B 134 7.27 -11.56 16.53
N TYR B 135 6.70 -12.74 16.74
CA TYR B 135 6.07 -13.51 15.66
C TYR B 135 4.68 -13.02 15.28
N LEU B 136 4.26 -13.35 14.06
CA LEU B 136 2.86 -13.23 13.65
C LEU B 136 2.03 -14.29 14.38
N PHE B 137 2.46 -15.54 14.25
CA PHE B 137 1.90 -16.69 14.95
C PHE B 137 2.96 -17.32 15.83
N ALA B 138 2.88 -17.10 17.14
CA ALA B 138 3.98 -17.43 18.03
C ALA B 138 4.19 -18.93 18.23
N ASN B 139 3.11 -19.70 18.27
CA ASN B 139 3.20 -21.13 18.48
C ASN B 139 4.04 -21.86 17.43
N SER B 140 4.01 -21.33 16.21
CA SER B 140 4.77 -21.89 15.11
C SER B 140 6.00 -21.04 14.74
N LYS B 141 6.32 -20.05 15.58
CA LYS B 141 7.43 -19.14 15.30
C LYS B 141 7.35 -18.59 13.89
N THR B 142 6.16 -18.18 13.48
CA THR B 142 5.99 -17.74 12.10
C THR B 142 5.85 -16.22 12.03
N TYR B 143 6.59 -15.61 11.12
CA TYR B 143 6.51 -14.18 10.87
C TYR B 143 5.64 -13.87 9.66
N PHE B 144 5.70 -14.74 8.66
CA PHE B 144 4.95 -14.54 7.43
C PHE B 144 4.24 -15.81 7.01
N ASN B 145 3.02 -15.66 6.55
CA ASN B 145 2.25 -16.77 6.04
C ASN B 145 1.81 -16.43 4.62
N ILE B 146 2.40 -17.13 3.65
CA ILE B 146 1.96 -16.98 2.27
C ILE B 146 0.77 -17.90 2.07
N ALA B 147 -0.26 -17.38 1.43
CA ALA B 147 -1.47 -18.15 1.15
C ALA B 147 -1.96 -17.90 -0.27
N VAL B 148 -2.40 -18.96 -0.92
CA VAL B 148 -2.94 -18.87 -2.26
C VAL B 148 -4.37 -19.38 -2.26
N ASP B 149 -5.29 -18.60 -2.81
CA ASP B 149 -6.65 -19.10 -2.98
C ASP B 149 -7.28 -18.64 -4.29
N GLU B 150 -8.60 -18.82 -4.39
CA GLU B 150 -9.33 -18.51 -5.60
C GLU B 150 -9.28 -17.04 -5.97
N LYS B 151 -8.97 -16.17 -5.00
CA LYS B 151 -9.06 -14.74 -5.25
C LYS B 151 -7.69 -14.04 -5.37
N GLY B 152 -6.62 -14.76 -5.06
CA GLY B 152 -5.30 -14.18 -5.27
C GLY B 152 -4.21 -14.85 -4.47
N ILE B 153 -3.05 -14.22 -4.48
CA ILE B 153 -1.90 -14.66 -3.69
C ILE B 153 -1.67 -13.66 -2.56
N TRP B 154 -1.58 -14.18 -1.34
CA TRP B 154 -1.62 -13.34 -0.16
C TRP B 154 -0.46 -13.57 0.78
N ILE B 155 -0.03 -12.52 1.47
CA ILE B 155 0.99 -12.69 2.49
C ILE B 155 0.53 -12.07 3.79
N ILE B 156 0.25 -12.91 4.78
CA ILE B 156 -0.12 -12.42 6.10
C ILE B 156 1.13 -12.06 6.89
N TYR B 157 1.11 -10.90 7.53
CA TYR B 157 2.21 -10.49 8.39
C TYR B 157 1.71 -9.60 9.53
N ALA B 158 2.62 -9.23 10.42
CA ALA B 158 2.28 -8.37 11.56
C ALA B 158 3.09 -7.08 11.50
N SER B 159 2.45 -5.97 11.83
CA SER B 159 3.04 -4.64 11.72
C SER B 159 4.20 -4.39 12.67
N SER B 160 5.33 -3.91 12.15
CA SER B 160 6.45 -3.54 13.00
C SER B 160 6.34 -2.06 13.37
N VAL B 161 5.22 -1.46 12.98
CA VAL B 161 4.87 -0.11 13.41
C VAL B 161 4.25 -0.11 14.81
N ASP B 162 3.17 -0.86 14.99
CA ASP B 162 2.56 -0.98 16.32
C ASP B 162 2.88 -2.31 16.97
N GLY B 163 3.58 -3.18 16.26
CA GLY B 163 3.98 -4.46 16.80
C GLY B 163 2.82 -5.38 17.11
N SER B 164 1.66 -5.12 16.52
CA SER B 164 0.46 -5.89 16.88
C SER B 164 -0.47 -6.26 15.71
N SER B 165 -0.81 -5.30 14.87
CA SER B 165 -1.88 -5.49 13.90
C SER B 165 -1.55 -6.50 12.80
N ILE B 166 -2.54 -7.31 12.45
CA ILE B 166 -2.37 -8.27 11.37
C ILE B 166 -2.70 -7.63 10.04
N LEU B 167 -1.76 -7.65 9.12
CA LEU B 167 -2.03 -7.18 7.77
C LEU B 167 -1.90 -8.29 6.75
N VAL B 168 -2.43 -8.02 5.56
CA VAL B 168 -2.34 -8.97 4.46
C VAL B 168 -1.94 -8.20 3.21
N ALA B 169 -0.76 -8.54 2.67
CA ALA B 169 -0.32 -7.99 1.41
C ALA B 169 -0.94 -8.77 0.25
N GLN B 170 -1.50 -8.05 -0.70
CA GLN B 170 -2.04 -8.68 -1.91
C GLN B 170 -0.99 -8.58 -3.01
N LEU B 171 -0.60 -9.73 -3.56
CA LEU B 171 0.45 -9.76 -4.56
C LEU B 171 -0.07 -9.68 -6.00
N ASP B 172 0.78 -9.17 -6.88
CA ASP B 172 0.60 -9.34 -8.32
C ASP B 172 1.51 -10.49 -8.75
N GLU B 173 0.91 -11.55 -9.27
CA GLU B 173 1.64 -12.79 -9.53
C GLU B 173 2.80 -12.63 -10.51
N ARG B 174 2.54 -11.90 -11.59
CA ARG B 174 3.53 -11.71 -12.64
C ARG B 174 4.83 -11.11 -12.11
N THR B 175 4.72 -10.00 -11.39
CA THR B 175 5.90 -9.25 -10.98
C THR B 175 6.45 -9.68 -9.63
N PHE B 176 5.71 -10.55 -8.95
CA PHE B 176 6.00 -10.88 -7.55
C PHE B 176 6.24 -9.59 -6.77
N SER B 177 5.20 -8.78 -6.67
CA SER B 177 5.28 -7.50 -5.98
C SER B 177 3.96 -7.25 -5.24
N VAL B 178 3.95 -6.26 -4.34
CA VAL B 178 2.76 -6.02 -3.55
C VAL B 178 1.85 -5.00 -4.23
N THR B 179 0.56 -5.32 -4.29
CA THR B 179 -0.40 -4.45 -4.94
C THR B 179 -1.14 -3.57 -3.92
N GLN B 180 -1.52 -4.16 -2.80
CA GLN B 180 -2.14 -3.40 -1.72
C GLN B 180 -1.86 -4.03 -0.37
N HIS B 181 -1.84 -3.20 0.66
CA HIS B 181 -1.71 -3.66 2.03
C HIS B 181 -3.05 -3.54 2.73
N ILE B 182 -3.55 -4.66 3.23
CA ILE B 182 -4.84 -4.70 3.89
C ILE B 182 -4.66 -4.79 5.40
N ASN B 183 -5.14 -3.79 6.13
CA ASN B 183 -5.07 -3.82 7.59
C ASN B 183 -6.35 -4.39 8.18
N THR B 184 -6.23 -5.54 8.83
CA THR B 184 -7.38 -6.14 9.50
C THR B 184 -7.64 -5.47 10.86
N THR B 185 -6.61 -4.85 11.40
CA THR B 185 -6.60 -4.28 12.76
C THR B 185 -6.73 -5.33 13.87
N TYR B 186 -6.77 -6.60 13.50
CA TYR B 186 -6.85 -7.67 14.50
C TYR B 186 -5.48 -7.87 15.16
N PRO B 187 -5.44 -7.89 16.49
CA PRO B 187 -4.15 -8.05 17.17
C PRO B 187 -3.61 -9.48 17.12
N LYS B 188 -2.34 -9.62 16.79
CA LYS B 188 -1.72 -10.93 16.62
C LYS B 188 -1.79 -11.74 17.92
N SER B 189 -1.88 -11.03 19.04
CA SER B 189 -2.00 -11.66 20.35
C SER B 189 -3.28 -12.50 20.45
N LYS B 190 -4.25 -12.22 19.60
CA LYS B 190 -5.47 -13.01 19.61
C LYS B 190 -5.46 -14.13 18.57
N ALA B 191 -4.40 -14.20 17.76
CA ALA B 191 -4.37 -15.17 16.66
C ALA B 191 -3.48 -16.37 16.96
N GLY B 192 -4.03 -17.57 16.81
CA GLY B 192 -3.20 -18.76 16.86
C GLY B 192 -2.55 -19.05 15.51
N ASN B 193 -3.36 -18.99 14.46
CA ASN B 193 -2.92 -19.21 13.09
C ASN B 193 -4.02 -18.71 12.15
N ALA B 194 -3.89 -18.98 10.86
CA ALA B 194 -4.87 -18.50 9.90
C ALA B 194 -4.74 -19.18 8.54
N PHE B 195 -5.79 -19.04 7.74
CA PHE B 195 -5.76 -19.49 6.36
C PHE B 195 -6.69 -18.61 5.57
N ILE B 196 -6.58 -18.66 4.25
CA ILE B 196 -7.41 -17.82 3.40
C ILE B 196 -8.10 -18.68 2.35
N ALA B 197 -9.41 -18.48 2.19
CA ALA B 197 -10.21 -19.26 1.24
C ALA B 197 -11.27 -18.37 0.62
N ARG B 198 -11.37 -18.42 -0.71
CA ARG B 198 -12.30 -17.56 -1.44
C ARG B 198 -12.26 -16.10 -0.98
N GLY B 199 -11.05 -15.57 -0.79
CA GLY B 199 -10.89 -14.16 -0.47
C GLY B 199 -11.23 -13.79 0.97
N ILE B 200 -11.52 -14.80 1.78
CA ILE B 200 -11.83 -14.58 3.19
C ILE B 200 -10.70 -15.06 4.08
N LEU B 201 -10.15 -14.17 4.89
CA LEU B 201 -9.17 -14.53 5.89
C LEU B 201 -9.85 -15.10 7.13
N TYR B 202 -9.40 -16.28 7.54
CA TYR B 202 -9.92 -16.96 8.72
C TYR B 202 -8.83 -17.09 9.76
N VAL B 203 -9.11 -16.68 10.99
CA VAL B 203 -8.10 -16.70 12.05
C VAL B 203 -8.55 -17.57 13.22
N THR B 204 -7.62 -18.40 13.72
CA THR B 204 -7.95 -19.30 14.82
C THR B 204 -7.67 -18.64 16.16
N ASP B 205 -8.21 -19.22 17.22
CA ASP B 205 -7.93 -18.70 18.54
C ASP B 205 -6.50 -19.09 18.95
N THR B 206 -6.08 -18.61 20.11
CA THR B 206 -4.71 -18.80 20.55
C THR B 206 -4.36 -20.27 20.79
N LYS B 207 -5.37 -21.12 20.98
CA LYS B 207 -5.10 -22.53 21.19
C LYS B 207 -5.34 -23.35 19.92
N ASP B 208 -5.67 -22.65 18.83
CA ASP B 208 -5.77 -23.25 17.51
C ASP B 208 -6.80 -24.38 17.41
N THR B 209 -7.99 -24.17 18.00
CA THR B 209 -9.05 -25.18 17.90
C THR B 209 -10.30 -24.65 17.24
N ARG B 210 -10.51 -23.33 17.32
CA ARG B 210 -11.69 -22.70 16.73
C ARG B 210 -11.33 -21.48 15.90
N VAL B 211 -12.02 -21.28 14.78
CA VAL B 211 -11.92 -20.01 14.07
C VAL B 211 -12.81 -19.01 14.77
N THR B 212 -12.25 -17.89 15.21
CA THR B 212 -13.04 -16.92 15.97
C THR B 212 -13.02 -15.52 15.37
N PHE B 213 -12.39 -15.40 14.20
CA PHE B 213 -12.29 -14.11 13.53
C PHE B 213 -12.14 -14.32 12.04
N ALA B 214 -12.69 -13.39 11.26
CA ALA B 214 -12.64 -13.50 9.81
C ALA B 214 -12.72 -12.11 9.21
N PHE B 215 -12.11 -11.97 8.03
CA PHE B 215 -12.02 -10.68 7.38
C PHE B 215 -12.18 -10.84 5.88
N ASP B 216 -13.15 -10.14 5.32
CA ASP B 216 -13.39 -10.13 3.89
C ASP B 216 -12.31 -9.27 3.25
N LEU B 217 -11.28 -9.91 2.71
CA LEU B 217 -10.10 -9.19 2.25
C LEU B 217 -10.43 -8.11 1.22
N LEU B 218 -11.08 -8.48 0.13
CA LEU B 218 -11.34 -7.52 -0.93
C LEU B 218 -12.44 -6.54 -0.56
N GLY B 219 -13.40 -6.99 0.25
CA GLY B 219 -14.45 -6.12 0.73
C GLY B 219 -13.91 -5.11 1.74
N GLY B 220 -12.86 -5.50 2.45
CA GLY B 220 -12.21 -4.62 3.40
C GLY B 220 -12.92 -4.53 4.73
N LYS B 221 -13.61 -5.59 5.11
CA LYS B 221 -14.42 -5.56 6.32
C LYS B 221 -14.36 -6.87 7.11
N GLN B 222 -14.40 -6.76 8.42
CA GLN B 222 -14.53 -7.91 9.28
C GLN B 222 -15.88 -8.60 9.06
N ILE B 223 -15.91 -9.92 9.17
CA ILE B 223 -17.16 -10.67 9.10
C ILE B 223 -17.21 -11.71 10.21
N ASN B 224 -18.43 -12.08 10.61
CA ASN B 224 -18.61 -13.02 11.71
C ASN B 224 -18.19 -14.43 11.35
N ALA B 225 -17.44 -15.04 12.24
CA ALA B 225 -17.03 -16.43 12.08
C ALA B 225 -16.73 -17.05 13.44
N ASN B 226 -17.45 -18.11 13.75
CA ASN B 226 -17.23 -18.88 14.96
C ASN B 226 -17.55 -20.34 14.70
N PHE B 227 -16.56 -21.11 14.27
CA PHE B 227 -16.78 -22.54 14.11
C PHE B 227 -15.58 -23.36 14.57
N ASP B 228 -15.85 -24.59 14.97
CA ASP B 228 -14.80 -25.50 15.39
C ASP B 228 -13.90 -25.85 14.21
N PHE B 229 -12.59 -25.86 14.44
CA PHE B 229 -11.61 -26.34 13.48
C PHE B 229 -11.22 -27.77 13.82
N ARG B 230 -10.87 -28.01 15.08
CA ARG B 230 -10.43 -29.32 15.51
C ARG B 230 -10.54 -29.49 17.02
N MET B 231 -10.50 -30.75 17.47
CA MET B 231 -10.62 -31.03 18.89
C MET B 231 -9.28 -31.05 19.58
N SER B 232 -8.28 -31.56 18.87
CA SER B 232 -6.93 -31.64 19.43
C SER B 232 -6.37 -30.27 19.75
N GLN B 233 -5.60 -30.20 20.83
CA GLN B 233 -4.89 -28.99 21.21
C GLN B 233 -3.39 -29.12 21.01
N SER B 234 -2.95 -30.19 20.35
CA SER B 234 -1.52 -30.38 20.11
C SER B 234 -0.98 -29.20 19.32
N VAL B 235 0.30 -28.89 19.49
CA VAL B 235 0.85 -27.67 18.89
C VAL B 235 0.71 -27.71 17.36
N LEU B 236 0.22 -26.61 16.81
CA LEU B 236 -0.04 -26.50 15.38
C LEU B 236 1.11 -25.78 14.69
N ALA B 237 1.80 -26.47 13.80
CA ALA B 237 2.92 -25.87 13.07
C ALA B 237 2.43 -25.11 11.83
N MET B 238 1.54 -25.72 11.07
CA MET B 238 1.16 -25.23 9.74
C MET B 238 -0.34 -25.39 9.52
N LEU B 239 -0.93 -24.41 8.86
CA LEU B 239 -2.35 -24.47 8.52
C LEU B 239 -2.52 -23.73 7.21
N SER B 240 -3.03 -24.43 6.21
CA SER B 240 -3.04 -23.89 4.86
C SER B 240 -4.20 -24.43 4.05
N TYR B 241 -4.86 -23.54 3.32
CA TYR B 241 -5.95 -23.93 2.43
C TYR B 241 -5.44 -24.14 1.03
N ASN B 242 -5.87 -25.24 0.41
CA ASN B 242 -5.48 -25.58 -0.95
C ASN B 242 -6.72 -25.51 -1.84
N MET B 243 -6.73 -24.59 -2.79
CA MET B 243 -7.94 -24.37 -3.58
C MET B 243 -8.22 -25.50 -4.57
N ARG B 244 -7.19 -26.26 -4.96
CA ARG B 244 -7.37 -27.32 -5.94
C ARG B 244 -8.29 -28.43 -5.41
N ASP B 245 -8.13 -28.82 -4.15
CA ASP B 245 -9.02 -29.83 -3.56
C ASP B 245 -9.89 -29.28 -2.43
N GLN B 246 -9.77 -27.99 -2.14
CA GLN B 246 -10.59 -27.36 -1.09
C GLN B 246 -10.43 -28.07 0.25
N HIS B 247 -9.20 -28.43 0.59
CA HIS B 247 -8.91 -29.01 1.89
C HIS B 247 -7.94 -28.14 2.65
N LEU B 248 -8.04 -28.16 3.97
CA LEU B 248 -7.02 -27.54 4.81
C LEU B 248 -5.91 -28.55 5.01
N TYR B 249 -4.68 -28.11 4.82
CA TYR B 249 -3.51 -28.91 5.13
C TYR B 249 -2.95 -28.45 6.46
N SER B 250 -2.62 -29.40 7.32
CA SER B 250 -2.06 -29.03 8.61
C SER B 250 -0.87 -29.91 9.01
N TRP B 251 -0.05 -29.37 9.89
CA TRP B 251 1.04 -30.10 10.52
C TRP B 251 0.87 -29.90 12.02
N GLU B 252 0.45 -30.95 12.71
CA GLU B 252 0.11 -30.84 14.12
C GLU B 252 0.93 -31.81 14.95
N ASP B 253 1.97 -31.29 15.61
CA ASP B 253 2.82 -32.09 16.46
C ASP B 253 3.32 -33.33 15.72
N GLY B 254 3.76 -33.16 14.49
CA GLY B 254 4.30 -34.25 13.70
C GLY B 254 3.24 -35.10 13.01
N HIS B 255 1.99 -34.65 13.07
CA HIS B 255 0.90 -35.32 12.38
C HIS B 255 0.49 -34.54 11.14
N LEU B 256 0.64 -35.13 9.96
CA LEU B 256 0.22 -34.48 8.72
C LEU B 256 -1.25 -34.76 8.44
N MET B 257 -2.08 -33.71 8.50
CA MET B 257 -3.54 -33.85 8.43
C MET B 257 -4.16 -33.12 7.24
N LEU B 258 -5.33 -33.61 6.85
CA LEU B 258 -6.15 -33.03 5.78
C LEU B 258 -7.56 -32.85 6.31
N TYR B 259 -8.08 -31.62 6.25
CA TYR B 259 -9.46 -31.36 6.68
C TYR B 259 -10.33 -30.97 5.50
N PRO B 260 -11.49 -31.63 5.36
CA PRO B 260 -12.46 -31.14 4.37
C PRO B 260 -13.12 -29.83 4.84
N VAL B 261 -13.53 -29.02 3.88
CA VAL B 261 -14.15 -27.74 4.20
C VAL B 261 -15.55 -27.66 3.58
N GLN B 262 -16.51 -27.17 4.34
CA GLN B 262 -17.88 -27.03 3.87
C GLN B 262 -18.25 -25.56 3.66
N PHE B 263 -18.51 -25.17 2.42
CA PHE B 263 -18.81 -23.77 2.10
C PHE B 263 -20.29 -23.45 2.16
N LEU B 264 -20.57 -22.15 2.15
CA LEU B 264 -21.93 -21.63 1.99
C LEU B 264 -22.86 -22.12 3.10
N SER C 21 -6.98 27.47 12.91
CA SER C 21 -6.85 28.89 12.62
C SER C 21 -7.16 29.19 11.15
N MET C 22 -8.05 30.16 10.94
CA MET C 22 -8.64 30.43 9.63
C MET C 22 -7.84 31.42 8.81
N ILE C 23 -7.74 31.17 7.51
CA ILE C 23 -7.24 32.19 6.59
C ILE C 23 -8.31 33.25 6.40
N THR C 24 -7.92 34.52 6.46
CA THR C 24 -8.90 35.60 6.34
C THR C 24 -8.75 36.35 5.02
N SER C 25 -7.56 36.35 4.45
CA SER C 25 -7.35 37.00 3.15
C SER C 25 -6.03 36.62 2.51
N ILE C 26 -5.91 36.91 1.22
CA ILE C 26 -4.71 36.62 0.43
C ILE C 26 -4.17 37.92 -0.12
N GLY C 27 -2.85 38.14 0.02
CA GLY C 27 -2.25 39.38 -0.43
C GLY C 27 -2.04 39.48 -1.93
N ASN C 28 -1.51 40.61 -2.37
CA ASN C 28 -1.18 40.77 -3.78
C ASN C 28 -0.02 39.87 -4.14
N PRO C 29 -0.02 39.32 -5.35
CA PRO C 29 1.04 38.36 -5.69
C PRO C 29 2.37 39.04 -5.99
N ALA C 30 3.44 38.30 -5.74
CA ALA C 30 4.76 38.64 -6.27
C ALA C 30 5.04 37.68 -7.42
N GLN C 31 5.33 38.22 -8.60
CA GLN C 31 5.73 37.35 -9.71
C GLN C 31 7.21 37.09 -9.66
N VAL C 32 7.58 35.82 -9.78
CA VAL C 32 8.98 35.43 -9.72
C VAL C 32 9.56 35.27 -11.12
N LEU C 33 8.77 34.70 -12.03
CA LEU C 33 9.25 34.43 -13.37
C LEU C 33 8.11 34.27 -14.34
N LYS C 34 8.38 34.54 -15.62
CA LYS C 34 7.43 34.25 -16.69
C LYS C 34 8.08 33.35 -17.71
N VAL C 35 7.46 32.20 -17.97
CA VAL C 35 7.99 31.27 -18.96
C VAL C 35 6.93 30.95 -20.00
N ARG C 36 7.35 30.31 -21.08
CA ARG C 36 6.46 29.98 -22.18
C ARG C 36 5.51 28.82 -21.85
N GLU C 37 5.95 27.90 -20.99
CA GLU C 37 5.14 26.74 -20.64
C GLU C 37 3.88 27.12 -19.85
N THR C 38 2.73 27.00 -20.49
CA THR C 38 1.46 27.35 -19.89
C THR C 38 1.18 26.64 -18.56
N PHE C 39 1.36 25.32 -18.53
CA PHE C 39 1.16 24.53 -17.33
C PHE C 39 2.46 23.94 -16.76
N GLY C 40 2.55 23.89 -15.43
CA GLY C 40 3.67 23.26 -14.77
C GLY C 40 3.56 23.40 -13.27
N THR C 41 4.64 23.04 -12.57
CA THR C 41 4.72 23.27 -11.13
C THR C 41 6.04 23.94 -10.80
N TRP C 42 6.04 24.74 -9.74
CA TRP C 42 7.31 25.10 -9.11
C TRP C 42 7.14 24.93 -7.60
N MET C 43 8.19 24.39 -7.00
CA MET C 43 8.12 23.86 -5.66
C MET C 43 9.40 24.16 -4.89
N ARG C 44 9.26 24.54 -3.63
CA ARG C 44 10.41 24.63 -2.74
C ARG C 44 10.16 23.74 -1.52
N GLU C 45 11.23 23.46 -0.79
CA GLU C 45 11.16 22.68 0.45
C GLU C 45 10.21 23.33 1.45
N SER C 46 9.44 22.51 2.16
CA SER C 46 8.50 23.03 3.15
C SER C 46 8.86 22.59 4.55
N ALA C 47 9.80 21.65 4.66
CA ALA C 47 10.24 21.18 5.97
C ALA C 47 11.02 22.27 6.69
N ASN C 48 11.08 22.17 8.02
CA ASN C 48 11.73 23.19 8.83
C ASN C 48 13.23 23.11 8.67
N LYS C 49 13.73 23.46 7.48
CA LYS C 49 15.15 23.41 7.21
C LYS C 49 15.58 24.45 6.19
N SER C 50 16.86 24.77 6.19
CA SER C 50 17.41 25.70 5.23
C SER C 50 17.69 24.96 3.93
N ASP C 51 17.18 25.49 2.82
CA ASP C 51 17.28 24.82 1.52
C ASP C 51 16.66 25.76 0.48
N ASP C 52 17.49 26.37 -0.34
CA ASP C 52 17.01 27.35 -1.32
C ASP C 52 16.55 26.75 -2.63
N ARG C 53 16.66 25.44 -2.77
CA ARG C 53 16.42 24.80 -4.06
C ARG C 53 14.99 24.93 -4.55
N ILE C 54 14.84 24.90 -5.87
CA ILE C 54 13.52 24.95 -6.50
C ILE C 54 13.41 23.79 -7.49
N TRP C 55 12.27 23.12 -7.49
CA TRP C 55 12.02 22.07 -8.46
C TRP C 55 10.86 22.46 -9.35
N VAL C 56 10.98 22.14 -10.62
CA VAL C 56 9.99 22.47 -11.63
C VAL C 56 9.62 21.26 -12.47
N THR C 57 8.33 21.07 -12.72
CA THR C 57 7.90 20.19 -13.80
C THR C 57 7.17 21.03 -14.83
N GLU C 58 7.23 20.59 -16.08
CA GLU C 58 6.63 21.31 -17.19
C GLU C 58 5.59 20.43 -17.89
N HIS C 59 4.47 21.04 -18.27
CA HIS C 59 3.38 20.33 -18.96
C HIS C 59 2.64 19.37 -18.03
N PHE C 60 1.81 18.51 -18.62
CA PHE C 60 0.90 17.65 -17.87
C PHE C 60 1.47 16.25 -17.60
N SER C 61 2.63 15.96 -18.17
CA SER C 61 3.23 14.64 -17.99
C SER C 61 4.69 14.66 -18.37
N GLY C 62 5.44 13.70 -17.83
CA GLY C 62 6.84 13.56 -18.16
C GLY C 62 7.55 12.74 -17.11
N ILE C 63 8.86 12.56 -17.28
CA ILE C 63 9.62 11.76 -16.33
C ILE C 63 10.89 12.50 -15.90
N MET C 64 10.93 13.80 -16.20
CA MET C 64 12.04 14.65 -15.79
C MET C 64 11.57 15.77 -14.84
N VAL C 65 12.40 16.08 -13.86
CA VAL C 65 12.20 17.25 -13.01
C VAL C 65 13.43 18.14 -13.12
N LYS C 66 13.20 19.45 -13.19
CA LYS C 66 14.30 20.40 -13.19
C LYS C 66 14.58 20.88 -11.78
N GLU C 67 15.84 20.79 -11.37
CA GLU C 67 16.24 21.26 -10.06
C GLU C 67 17.13 22.49 -10.16
N PHE C 68 16.71 23.57 -9.53
CA PHE C 68 17.49 24.80 -9.52
C PHE C 68 18.08 25.01 -8.14
N LYS C 69 19.36 25.39 -8.09
CA LYS C 69 20.00 25.52 -6.78
C LYS C 69 19.41 26.67 -5.98
N ASP C 70 18.94 27.72 -6.67
CA ASP C 70 18.37 28.91 -6.02
C ASP C 70 17.55 29.74 -6.98
N LEU C 71 17.01 30.86 -6.52
CA LEU C 71 16.11 31.67 -7.34
C LEU C 71 16.85 32.30 -8.53
N PRO C 72 18.05 32.86 -8.30
CA PRO C 72 18.87 33.30 -9.44
C PRO C 72 19.00 32.22 -10.51
N ALA C 73 19.28 30.98 -10.08
CA ALA C 73 19.38 29.88 -11.04
C ALA C 73 18.09 29.74 -11.84
N LEU C 74 16.94 29.80 -11.17
CA LEU C 74 15.67 29.68 -11.87
C LEU C 74 15.51 30.81 -12.88
N LEU C 75 15.80 32.04 -12.46
CA LEU C 75 15.64 33.21 -13.34
C LEU C 75 16.51 33.11 -14.57
N ASN C 76 17.58 32.32 -14.47
CA ASN C 76 18.54 32.22 -15.56
C ASN C 76 18.50 30.84 -16.21
N SER C 77 17.41 30.11 -15.99
CA SER C 77 17.22 28.80 -16.60
C SER C 77 18.44 27.91 -16.43
N SER C 78 18.98 27.87 -15.22
CA SER C 78 20.16 27.07 -14.94
C SER C 78 19.79 25.92 -14.01
N PHE C 79 19.63 24.74 -14.60
CA PHE C 79 19.06 23.60 -13.87
C PHE C 79 19.86 22.33 -14.08
N THR C 80 19.76 21.42 -13.12
CA THR C 80 20.20 20.06 -13.34
C THR C 80 18.95 19.21 -13.50
N LEU C 81 19.03 18.17 -14.32
CA LEU C 81 17.88 17.33 -14.61
C LEU C 81 17.83 16.11 -13.71
N LEU C 82 16.64 15.79 -13.23
CA LEU C 82 16.44 14.60 -12.41
C LEU C 82 15.50 13.62 -13.10
N HIS C 83 15.98 12.40 -13.30
CA HIS C 83 15.16 11.36 -13.92
C HIS C 83 14.32 10.66 -12.84
N LEU C 84 13.00 10.64 -13.04
CA LEU C 84 12.10 10.01 -12.08
C LEU C 84 11.98 8.51 -12.35
N PRO C 85 11.60 7.74 -11.32
CA PRO C 85 11.38 6.29 -11.49
C PRO C 85 10.06 5.98 -12.18
N HIS C 86 9.13 6.93 -12.19
CA HIS C 86 7.86 6.76 -12.92
C HIS C 86 7.45 8.10 -13.50
N TYR C 87 6.76 8.08 -14.65
CA TYR C 87 6.23 9.32 -15.22
C TYR C 87 5.25 9.98 -14.27
N PHE C 88 5.28 11.30 -14.16
CA PHE C 88 4.26 12.01 -13.41
C PHE C 88 3.10 12.34 -14.32
N HIS C 89 1.94 12.59 -13.73
CA HIS C 89 0.88 13.32 -14.43
C HIS C 89 0.39 14.49 -13.59
N GLY C 90 0.04 15.58 -14.25
CA GLY C 90 -0.66 16.66 -13.60
C GLY C 90 0.24 17.72 -13.00
N CYS C 91 -0.37 18.58 -12.19
CA CYS C 91 0.32 19.70 -11.59
C CYS C 91 0.07 19.76 -10.10
N GLY C 92 -0.23 18.63 -9.49
CA GLY C 92 -0.50 18.63 -8.07
C GLY C 92 0.57 17.99 -7.21
N HIS C 93 1.85 18.11 -7.61
CA HIS C 93 2.93 17.52 -6.82
C HIS C 93 3.31 18.40 -5.65
N ALA C 94 4.11 17.84 -4.75
CA ALA C 94 4.63 18.61 -3.64
C ALA C 94 5.99 18.08 -3.25
N VAL C 95 6.84 18.98 -2.77
CA VAL C 95 8.13 18.60 -2.21
C VAL C 95 8.09 18.70 -0.69
N TYR C 96 8.59 17.67 -0.01
CA TYR C 96 8.67 17.71 1.45
C TYR C 96 9.77 16.76 1.90
N ASN C 97 10.70 17.28 2.70
CA ASN C 97 11.82 16.49 3.21
C ASN C 97 12.64 15.87 2.09
N ASN C 98 13.04 16.70 1.15
CA ASN C 98 13.93 16.30 0.07
C ASN C 98 13.32 15.16 -0.73
N SER C 99 11.99 15.11 -0.77
CA SER C 99 11.27 14.09 -1.53
C SER C 99 10.16 14.71 -2.38
N LEU C 100 9.95 14.19 -3.58
CA LEU C 100 8.83 14.60 -4.42
C LEU C 100 7.65 13.63 -4.26
N TYR C 101 6.49 14.18 -3.90
CA TYR C 101 5.24 13.41 -3.84
C TYR C 101 4.43 13.66 -5.10
N TYR C 102 4.14 12.61 -5.88
CA TYR C 102 3.45 12.86 -7.14
C TYR C 102 2.60 11.71 -7.66
N HIS C 103 1.67 12.06 -8.54
CA HIS C 103 0.80 11.10 -9.21
C HIS C 103 1.52 10.38 -10.34
N LYS C 104 1.62 9.06 -10.23
CA LYS C 104 2.15 8.23 -11.31
C LYS C 104 1.11 8.13 -12.43
N GLY C 105 1.43 8.70 -13.58
CA GLY C 105 0.47 8.80 -14.67
C GLY C 105 -0.09 7.49 -15.17
N GLY C 106 -1.40 7.44 -15.37
CA GLY C 106 -2.06 6.24 -15.84
C GLY C 106 -2.35 5.22 -14.76
N SER C 107 -2.07 5.57 -13.51
CA SER C 107 -2.40 4.68 -12.39
C SER C 107 -3.08 5.43 -11.26
N ASN C 108 -3.65 4.69 -10.30
CA ASN C 108 -4.10 5.29 -9.05
C ASN C 108 -3.04 5.12 -7.97
N THR C 109 -1.79 5.14 -8.41
CA THR C 109 -0.64 5.09 -7.52
C THR C 109 -0.06 6.47 -7.26
N ILE C 110 0.22 6.76 -5.99
CA ILE C 110 0.94 7.96 -5.62
C ILE C 110 2.37 7.59 -5.29
N VAL C 111 3.31 8.41 -5.75
CA VAL C 111 4.73 8.11 -5.57
C VAL C 111 5.43 9.08 -4.64
N ARG C 112 6.20 8.56 -3.69
CA ARG C 112 7.13 9.38 -2.93
C ARG C 112 8.56 9.06 -3.36
N PHE C 113 9.20 10.01 -4.04
CA PHE C 113 10.56 9.81 -4.56
C PHE C 113 11.54 10.70 -3.83
N GLU C 114 12.34 10.09 -2.96
CA GLU C 114 13.33 10.85 -2.21
C GLU C 114 14.54 11.12 -3.09
N PHE C 115 14.80 12.40 -3.33
CA PHE C 115 15.86 12.84 -4.23
C PHE C 115 17.20 12.20 -3.89
N GLY C 116 17.77 11.50 -4.87
CA GLY C 116 19.06 10.87 -4.70
C GLY C 116 18.99 9.43 -4.21
N LYS C 117 17.84 8.80 -4.39
CA LYS C 117 17.69 7.41 -3.99
C LYS C 117 17.01 6.63 -5.09
N GLU C 118 17.40 5.37 -5.24
CA GLU C 118 16.97 4.56 -6.37
C GLU C 118 15.49 4.24 -6.31
N THR C 119 15.06 3.71 -5.17
CA THR C 119 13.69 3.18 -5.04
C THR C 119 12.77 4.12 -4.28
N PRO C 120 11.65 4.50 -4.89
CA PRO C 120 10.69 5.35 -4.21
C PRO C 120 9.76 4.49 -3.40
N GLN C 121 8.88 5.13 -2.64
CA GLN C 121 7.80 4.42 -2.00
C GLN C 121 6.52 4.71 -2.78
N THR C 122 5.57 3.80 -2.72
CA THR C 122 4.30 3.99 -3.43
C THR C 122 3.13 3.58 -2.57
N LEU C 123 1.99 4.19 -2.82
CA LEU C 123 0.75 3.75 -2.20
C LEU C 123 -0.33 3.80 -3.26
N LYS C 124 -1.39 3.03 -3.05
CA LYS C 124 -2.46 2.92 -4.04
C LYS C 124 -3.72 3.54 -3.48
N LEU C 125 -4.40 4.36 -4.28
CA LEU C 125 -5.66 4.94 -3.86
C LEU C 125 -6.79 4.31 -4.67
N GLU C 126 -7.35 3.24 -4.13
CA GLU C 126 -8.49 2.61 -4.76
C GLU C 126 -9.67 3.55 -4.63
N ASN C 127 -10.62 3.42 -5.54
CA ASN C 127 -11.80 4.27 -5.52
C ASN C 127 -11.47 5.72 -5.79
N ALA C 128 -10.39 5.96 -6.52
CA ALA C 128 -10.04 7.31 -6.94
C ALA C 128 -10.03 7.41 -8.46
N LEU C 129 -10.58 8.49 -9.00
CA LEU C 129 -10.50 8.70 -10.44
C LEU C 129 -9.04 8.92 -10.82
N TYR C 130 -8.60 8.34 -11.92
CA TYR C 130 -7.21 8.49 -12.31
C TYR C 130 -6.94 8.46 -13.81
N PHE C 131 -7.98 8.29 -14.62
CA PHE C 131 -7.79 8.26 -16.06
C PHE C 131 -9.07 8.63 -16.81
N ASP C 132 -9.00 8.59 -18.14
CA ASP C 132 -10.17 8.84 -18.99
C ASP C 132 -10.65 10.28 -18.86
N ARG C 133 -9.77 11.16 -18.40
CA ARG C 133 -10.04 12.58 -18.30
C ARG C 133 -11.17 12.91 -17.33
N LYS C 134 -11.37 12.04 -16.34
CA LYS C 134 -12.29 12.35 -15.26
C LYS C 134 -11.49 13.00 -14.16
N TYR C 135 -11.18 14.29 -14.34
CA TYR C 135 -10.25 14.98 -13.45
C TYR C 135 -10.85 15.35 -12.11
N LEU C 136 -9.99 15.41 -11.08
CA LEU C 136 -10.33 16.09 -9.85
C LEU C 136 -10.50 17.60 -10.11
N PHE C 137 -9.48 18.19 -10.72
CA PHE C 137 -9.53 19.58 -11.16
C PHE C 137 -9.36 19.64 -12.67
N ALA C 138 -10.47 19.80 -13.38
CA ALA C 138 -10.45 19.84 -14.83
C ALA C 138 -9.58 20.96 -15.38
N ASN C 139 -9.59 22.12 -14.72
CA ASN C 139 -8.82 23.28 -15.17
C ASN C 139 -7.33 22.98 -15.33
N SER C 140 -6.81 22.09 -14.49
CA SER C 140 -5.39 21.78 -14.49
C SER C 140 -5.13 20.32 -14.84
N LYS C 141 -6.14 19.64 -15.39
CA LYS C 141 -6.03 18.23 -15.77
C LYS C 141 -5.36 17.39 -14.68
N THR C 142 -5.73 17.66 -13.44
CA THR C 142 -5.12 16.98 -12.31
C THR C 142 -6.08 16.01 -11.64
N TYR C 143 -5.55 14.84 -11.27
CA TYR C 143 -6.34 13.80 -10.61
C TYR C 143 -6.07 13.74 -9.12
N PHE C 144 -4.83 14.03 -8.75
CA PHE C 144 -4.45 14.02 -7.35
C PHE C 144 -3.65 15.26 -7.01
N ASN C 145 -3.91 15.80 -5.82
CA ASN C 145 -3.19 16.95 -5.33
C ASN C 145 -2.62 16.60 -3.95
N ILE C 146 -1.30 16.45 -3.89
CA ILE C 146 -0.63 16.18 -2.62
C ILE C 146 -0.34 17.52 -1.96
N ALA C 147 -0.75 17.65 -0.71
CA ALA C 147 -0.51 18.88 0.04
C ALA C 147 0.10 18.57 1.39
N VAL C 148 1.11 19.35 1.76
CA VAL C 148 1.77 19.26 3.05
C VAL C 148 1.53 20.54 3.84
N ASP C 149 1.03 20.42 5.07
CA ASP C 149 0.94 21.60 5.93
C ASP C 149 1.28 21.26 7.37
N GLU C 150 0.97 22.19 8.28
CA GLU C 150 1.38 22.07 9.67
C GLU C 150 0.76 20.87 10.37
N LYS C 151 -0.32 20.33 9.81
CA LYS C 151 -1.05 19.29 10.53
C LYS C 151 -0.98 17.90 9.88
N GLY C 152 -0.28 17.79 8.75
CA GLY C 152 -0.09 16.49 8.14
C GLY C 152 0.25 16.54 6.67
N ILE C 153 0.24 15.38 6.04
CA ILE C 153 0.40 15.25 4.60
C ILE C 153 -0.89 14.69 4.02
N TRP C 154 -1.40 15.34 2.98
CA TRP C 154 -2.75 15.07 2.53
C TRP C 154 -2.77 14.79 1.04
N ILE C 155 -3.68 13.94 0.60
CA ILE C 155 -3.86 13.75 -0.82
C ILE C 155 -5.31 13.98 -1.20
N ILE C 156 -5.56 15.05 -1.94
CA ILE C 156 -6.87 15.36 -2.45
C ILE C 156 -7.12 14.56 -3.71
N TYR C 157 -8.25 13.88 -3.77
CA TYR C 157 -8.65 13.15 -4.95
C TYR C 157 -10.16 13.14 -5.09
N ALA C 158 -10.65 12.47 -6.12
CA ALA C 158 -12.08 12.44 -6.42
C ALA C 158 -12.56 11.00 -6.49
N SER C 159 -13.70 10.74 -5.88
CA SER C 159 -14.25 9.39 -5.81
C SER C 159 -14.58 8.81 -7.17
N SER C 160 -14.16 7.58 -7.42
CA SER C 160 -14.52 6.88 -8.64
C SER C 160 -15.78 6.05 -8.38
N VAL C 161 -16.32 6.17 -7.17
CA VAL C 161 -17.58 5.51 -6.81
C VAL C 161 -18.77 6.32 -7.31
N ASP C 162 -18.81 7.61 -7.01
CA ASP C 162 -19.87 8.47 -7.55
C ASP C 162 -19.34 9.42 -8.63
N GLY C 163 -18.05 9.32 -8.91
CA GLY C 163 -17.44 10.14 -9.95
C GLY C 163 -17.47 11.63 -9.67
N SER C 164 -17.65 12.02 -8.41
CA SER C 164 -17.95 13.42 -8.09
C SER C 164 -17.33 13.96 -6.80
N SER C 165 -17.53 13.25 -5.69
CA SER C 165 -17.14 13.77 -4.38
C SER C 165 -15.63 13.94 -4.17
N ILE C 166 -15.25 15.08 -3.58
CA ILE C 166 -13.87 15.33 -3.23
C ILE C 166 -13.50 14.69 -1.89
N LEU C 167 -12.54 13.77 -1.92
CA LEU C 167 -12.04 13.14 -0.70
C LEU C 167 -10.62 13.57 -0.45
N VAL C 168 -10.17 13.41 0.79
CA VAL C 168 -8.81 13.75 1.18
C VAL C 168 -8.22 12.61 2.01
N ALA C 169 -7.08 12.09 1.56
CA ALA C 169 -6.42 11.04 2.32
C ALA C 169 -5.42 11.66 3.28
N GLN C 170 -5.52 11.28 4.55
CA GLN C 170 -4.52 11.66 5.55
C GLN C 170 -3.46 10.59 5.65
N LEU C 171 -2.20 10.97 5.44
CA LEU C 171 -1.11 10.01 5.41
C LEU C 171 -0.48 9.74 6.77
N ASP C 172 -0.10 8.48 7.00
CA ASP C 172 0.83 8.13 8.06
C ASP C 172 2.23 8.51 7.61
N GLU C 173 2.79 9.54 8.23
CA GLU C 173 4.10 10.04 7.81
C GLU C 173 5.22 9.02 8.02
N ARG C 174 5.00 8.07 8.93
CA ARG C 174 6.02 7.07 9.22
C ARG C 174 6.21 6.03 8.11
N THR C 175 5.16 5.80 7.33
CA THR C 175 5.14 4.63 6.45
C THR C 175 4.61 4.86 5.02
N PHE C 176 4.33 6.11 4.67
CA PHE C 176 3.70 6.41 3.38
C PHE C 176 2.50 5.51 3.11
N SER C 177 1.48 5.63 3.96
CA SER C 177 0.25 4.87 3.83
C SER C 177 -0.89 5.73 4.35
N VAL C 178 -2.13 5.34 4.03
CA VAL C 178 -3.28 6.16 4.37
C VAL C 178 -3.84 5.82 5.74
N THR C 179 -3.93 6.83 6.59
CA THR C 179 -4.55 6.66 7.89
C THR C 179 -6.08 6.64 7.78
N GLN C 180 -6.64 7.66 7.15
CA GLN C 180 -8.08 7.72 6.93
C GLN C 180 -8.44 8.45 5.64
N HIS C 181 -9.64 8.17 5.13
CA HIS C 181 -10.20 8.89 4.01
C HIS C 181 -11.32 9.82 4.48
N ILE C 182 -11.13 11.11 4.27
CA ILE C 182 -12.10 12.11 4.69
C ILE C 182 -12.98 12.53 3.52
N ASN C 183 -14.28 12.30 3.61
CA ASN C 183 -15.18 12.70 2.54
C ASN C 183 -15.75 14.10 2.81
N THR C 184 -15.38 15.08 1.98
CA THR C 184 -15.86 16.45 2.17
C THR C 184 -17.31 16.59 1.74
N THR C 185 -17.77 15.66 0.91
CA THR C 185 -19.10 15.70 0.30
C THR C 185 -19.21 16.83 -0.73
N TYR C 186 -18.09 17.43 -1.11
CA TYR C 186 -18.11 18.54 -2.05
C TYR C 186 -17.89 18.05 -3.48
N PRO C 187 -18.78 18.44 -4.40
CA PRO C 187 -18.67 17.97 -5.79
C PRO C 187 -17.56 18.66 -6.56
N LYS C 188 -16.72 17.88 -7.24
CA LYS C 188 -15.57 18.42 -7.96
C LYS C 188 -15.99 19.41 -9.04
N SER C 189 -17.24 19.30 -9.51
CA SER C 189 -17.76 20.22 -10.52
C SER C 189 -17.79 21.66 -10.01
N LYS C 190 -17.76 21.83 -8.69
CA LYS C 190 -17.77 23.19 -8.13
C LYS C 190 -16.37 23.68 -7.78
N ALA C 191 -15.35 22.86 -8.06
CA ALA C 191 -13.98 23.21 -7.64
C ALA C 191 -13.10 23.61 -8.81
N GLY C 192 -12.38 24.72 -8.66
CA GLY C 192 -11.35 25.07 -9.64
C GLY C 192 -10.06 24.41 -9.24
N ASN C 193 -9.67 24.65 -7.99
CA ASN C 193 -8.44 24.11 -7.43
C ASN C 193 -8.56 24.11 -5.91
N ALA C 194 -7.46 23.81 -5.23
CA ALA C 194 -7.50 23.78 -3.77
C ALA C 194 -6.13 23.84 -3.15
N PHE C 195 -6.08 24.24 -1.88
CA PHE C 195 -4.87 24.13 -1.11
C PHE C 195 -5.26 23.84 0.34
N ILE C 196 -4.28 23.41 1.13
CA ILE C 196 -4.54 23.07 2.53
C ILE C 196 -3.55 23.80 3.42
N ALA C 197 -4.07 24.42 4.48
CA ALA C 197 -3.21 25.15 5.42
C ALA C 197 -3.80 25.04 6.81
N ARG C 198 -2.94 24.75 7.77
CA ARG C 198 -3.35 24.59 9.16
C ARG C 198 -4.51 23.60 9.33
N GLY C 199 -4.50 22.53 8.53
CA GLY C 199 -5.50 21.49 8.64
C GLY C 199 -6.83 21.81 8.00
N ILE C 200 -6.87 22.92 7.28
CA ILE C 200 -8.10 23.36 6.63
C ILE C 200 -7.97 23.25 5.12
N LEU C 201 -8.91 22.58 4.50
CA LEU C 201 -8.99 22.50 3.04
C LEU C 201 -9.70 23.73 2.50
N TYR C 202 -9.07 24.44 1.56
CA TYR C 202 -9.67 25.60 0.90
C TYR C 202 -9.82 25.32 -0.59
N VAL C 203 -10.99 25.61 -1.15
CA VAL C 203 -11.27 25.26 -2.55
C VAL C 203 -11.76 26.47 -3.35
N THR C 204 -11.16 26.70 -4.51
CA THR C 204 -11.51 27.86 -5.32
C THR C 204 -12.74 27.60 -6.19
N ASP C 205 -13.38 28.66 -6.66
CA ASP C 205 -14.50 28.51 -7.58
C ASP C 205 -14.00 27.96 -8.92
N THR C 206 -14.91 27.65 -9.82
CA THR C 206 -14.55 27.08 -11.13
C THR C 206 -13.67 28.03 -11.94
N LYS C 207 -13.69 29.31 -11.58
CA LYS C 207 -12.94 30.33 -12.30
C LYS C 207 -11.58 30.59 -11.65
N ASP C 208 -11.33 29.98 -10.49
CA ASP C 208 -10.05 30.12 -9.81
C ASP C 208 -9.68 31.57 -9.47
N THR C 209 -10.62 32.34 -8.94
CA THR C 209 -10.28 33.68 -8.45
C THR C 209 -10.69 33.89 -6.99
N ARG C 210 -11.60 33.05 -6.50
CA ARG C 210 -12.11 33.16 -5.13
C ARG C 210 -12.14 31.82 -4.41
N VAL C 211 -11.79 31.79 -3.12
CA VAL C 211 -12.07 30.62 -2.29
C VAL C 211 -13.52 30.66 -1.85
N THR C 212 -14.31 29.64 -2.19
CA THR C 212 -15.74 29.69 -1.84
C THR C 212 -16.20 28.51 -0.99
N PHE C 213 -15.27 27.61 -0.65
CA PHE C 213 -15.58 26.45 0.18
C PHE C 213 -14.38 26.10 1.05
N ALA C 214 -14.63 25.69 2.28
CA ALA C 214 -13.55 25.18 3.13
C ALA C 214 -14.04 24.07 4.03
N PHE C 215 -13.11 23.23 4.47
CA PHE C 215 -13.44 22.06 5.25
C PHE C 215 -12.36 21.80 6.32
N ASP C 216 -12.79 21.79 7.58
CA ASP C 216 -11.92 21.39 8.68
C ASP C 216 -11.68 19.88 8.59
N LEU C 217 -10.49 19.49 8.14
CA LEU C 217 -10.21 18.09 7.84
C LEU C 217 -10.32 17.16 9.05
N LEU C 218 -9.64 17.51 10.13
CA LEU C 218 -9.67 16.65 11.31
C LEU C 218 -10.96 16.84 12.11
N GLY C 219 -11.60 17.98 11.95
CA GLY C 219 -12.90 18.20 12.58
C GLY C 219 -14.03 17.52 11.83
N GLY C 220 -13.80 17.19 10.57
CA GLY C 220 -14.81 16.53 9.78
C GLY C 220 -16.04 17.37 9.47
N LYS C 221 -15.86 18.68 9.35
CA LYS C 221 -16.99 19.56 9.07
C LYS C 221 -16.62 20.72 8.16
N GLN C 222 -17.59 21.15 7.35
CA GLN C 222 -17.43 22.32 6.51
C GLN C 222 -17.39 23.60 7.36
N ILE C 223 -16.64 24.59 6.90
CA ILE C 223 -16.65 25.89 7.55
C ILE C 223 -16.79 26.97 6.51
N ASN C 224 -17.20 28.15 6.95
CA ASN C 224 -17.44 29.26 6.03
C ASN C 224 -16.15 29.88 5.54
N ALA C 225 -16.02 29.98 4.23
CA ALA C 225 -14.90 30.67 3.65
C ALA C 225 -15.30 31.30 2.32
N ASN C 226 -15.29 32.63 2.30
CA ASN C 226 -15.54 33.41 1.09
C ASN C 226 -14.56 34.55 1.02
N PHE C 227 -13.49 34.39 0.25
CA PHE C 227 -12.55 35.49 0.09
C PHE C 227 -11.83 35.44 -1.25
N ASP C 228 -11.48 36.62 -1.76
CA ASP C 228 -10.77 36.71 -3.03
C ASP C 228 -9.42 36.04 -2.92
N PHE C 229 -9.00 35.37 -3.99
CA PHE C 229 -7.69 34.78 -4.09
C PHE C 229 -6.83 35.64 -5.01
N ARG C 230 -7.34 35.91 -6.20
CA ARG C 230 -6.59 36.70 -7.18
C ARG C 230 -7.57 37.42 -8.10
N MET C 231 -7.05 38.41 -8.83
CA MET C 231 -7.86 39.15 -9.79
C MET C 231 -7.76 38.58 -11.17
N SER C 232 -6.60 38.02 -11.48
CA SER C 232 -6.36 37.45 -12.81
C SER C 232 -7.22 36.21 -13.02
N GLN C 233 -7.68 36.03 -14.26
CA GLN C 233 -8.47 34.85 -14.58
C GLN C 233 -7.73 33.91 -15.55
N SER C 234 -6.44 34.16 -15.74
CA SER C 234 -5.62 33.29 -16.58
C SER C 234 -5.66 31.87 -16.06
N VAL C 235 -5.40 30.91 -16.93
CA VAL C 235 -5.49 29.51 -16.54
C VAL C 235 -4.52 29.19 -15.40
N LEU C 236 -5.01 28.46 -14.40
CA LEU C 236 -4.26 28.14 -13.20
C LEU C 236 -3.83 26.69 -13.24
N ALA C 237 -2.52 26.44 -13.32
CA ALA C 237 -2.03 25.07 -13.35
C ALA C 237 -1.81 24.51 -11.93
N MET C 238 -0.99 25.20 -11.14
CA MET C 238 -0.65 24.73 -9.79
C MET C 238 -1.10 25.74 -8.74
N LEU C 239 -1.53 25.23 -7.58
CA LEU C 239 -1.85 26.07 -6.42
C LEU C 239 -1.54 25.29 -5.16
N SER C 240 -0.60 25.78 -4.37
CA SER C 240 -0.07 24.98 -3.28
C SER C 240 0.45 25.83 -2.13
N TYR C 241 0.04 25.49 -0.93
CA TYR C 241 0.47 26.23 0.25
C TYR C 241 1.77 25.66 0.78
N ASN C 242 2.70 26.55 1.11
CA ASN C 242 3.99 26.14 1.65
C ASN C 242 4.11 26.61 3.10
N MET C 243 4.16 25.66 4.02
CA MET C 243 4.13 26.01 5.44
C MET C 243 5.40 26.68 5.94
N ARG C 244 6.51 26.51 5.24
CA ARG C 244 7.77 27.10 5.70
C ARG C 244 7.74 28.62 5.65
N ASP C 245 7.13 29.18 4.62
CA ASP C 245 7.08 30.62 4.46
C ASP C 245 5.64 31.15 4.45
N GLN C 246 4.69 30.25 4.71
CA GLN C 246 3.26 30.58 4.74
C GLN C 246 2.82 31.38 3.51
N HIS C 247 3.32 31.00 2.35
CA HIS C 247 2.88 31.60 1.10
C HIS C 247 2.14 30.60 0.23
N LEU C 248 1.27 31.11 -0.65
CA LEU C 248 0.72 30.29 -1.72
C LEU C 248 1.60 30.32 -2.95
N TYR C 249 2.00 29.16 -3.43
CA TYR C 249 2.71 29.06 -4.70
C TYR C 249 1.72 28.74 -5.82
N SER C 250 1.84 29.44 -6.95
CA SER C 250 1.00 29.14 -8.08
C SER C 250 1.77 29.20 -9.37
N TRP C 251 1.23 28.54 -10.38
CA TRP C 251 1.72 28.61 -11.73
C TRP C 251 0.54 29.01 -12.59
N GLU C 252 0.57 30.23 -13.11
CA GLU C 252 -0.60 30.77 -13.81
C GLU C 252 -0.24 31.16 -15.22
N ASP C 253 -0.64 30.33 -16.19
CA ASP C 253 -0.38 30.60 -17.60
C ASP C 253 1.10 30.95 -17.84
N GLY C 254 1.99 30.23 -17.17
CA GLY C 254 3.41 30.46 -17.35
C GLY C 254 4.00 31.48 -16.39
N HIS C 255 3.16 32.09 -15.55
CA HIS C 255 3.61 33.03 -14.53
C HIS C 255 3.77 32.34 -13.19
N LEU C 256 5.00 32.31 -12.68
CA LEU C 256 5.28 31.71 -11.38
C LEU C 256 5.09 32.77 -10.30
N MET C 257 4.11 32.55 -9.42
CA MET C 257 3.67 33.55 -8.44
C MET C 257 3.79 33.08 -6.99
N LEU C 258 3.88 34.07 -6.10
CA LEU C 258 3.85 33.87 -4.65
C LEU C 258 2.80 34.80 -4.07
N TYR C 259 1.93 34.28 -3.20
CA TYR C 259 0.95 35.11 -2.51
C TYR C 259 1.14 35.01 -1.01
N PRO C 260 1.22 36.15 -0.33
CA PRO C 260 1.22 36.10 1.13
C PRO C 260 -0.15 35.68 1.64
N VAL C 261 -0.19 34.99 2.78
CA VAL C 261 -1.44 34.55 3.36
C VAL C 261 -1.65 35.18 4.73
N GLN C 262 -2.82 35.78 4.93
CA GLN C 262 -3.14 36.41 6.20
C GLN C 262 -4.06 35.52 7.06
N PHE C 263 -3.55 35.04 8.19
CA PHE C 263 -4.37 34.21 9.09
C PHE C 263 -5.09 35.05 10.13
N LEU C 264 -6.21 34.52 10.62
CA LEU C 264 -7.01 35.19 11.63
C LEU C 264 -6.25 35.26 12.94
N SER D 21 -7.37 16.75 50.17
CA SER D 21 -7.40 18.12 49.70
C SER D 21 -7.64 18.21 48.18
N MET D 22 -8.47 19.18 47.78
CA MET D 22 -8.93 19.32 46.41
C MET D 22 -8.16 20.36 45.62
N ILE D 23 -8.10 20.18 44.30
CA ILE D 23 -7.65 21.25 43.44
C ILE D 23 -8.78 22.26 43.33
N THR D 24 -8.46 23.56 43.33
CA THR D 24 -9.46 24.61 43.15
C THR D 24 -9.29 25.29 41.78
N SER D 25 -8.04 25.34 41.29
CA SER D 25 -7.80 25.89 39.95
C SER D 25 -6.48 25.45 39.32
N ILE D 26 -6.37 25.65 38.01
CA ILE D 26 -5.14 25.36 37.28
C ILE D 26 -4.61 26.69 36.76
N GLY D 27 -3.32 26.93 36.94
CA GLY D 27 -2.71 28.16 36.46
C GLY D 27 -2.40 28.19 34.97
N ASN D 28 -1.87 29.32 34.50
CA ASN D 28 -1.53 29.47 33.09
C ASN D 28 -0.34 28.59 32.72
N PRO D 29 -0.36 28.02 31.52
CA PRO D 29 0.68 27.04 31.18
C PRO D 29 2.02 27.67 30.80
N ALA D 30 3.08 26.91 30.95
CA ALA D 30 4.37 27.22 30.35
C ALA D 30 4.66 26.20 29.26
N GLN D 31 5.02 26.69 28.08
CA GLN D 31 5.38 25.80 26.98
C GLN D 31 6.88 25.56 26.99
N VAL D 32 7.31 24.30 26.89
CA VAL D 32 8.75 24.03 26.85
C VAL D 32 9.23 23.68 25.46
N LEU D 33 8.34 23.17 24.62
CA LEU D 33 8.75 22.78 23.28
C LEU D 33 7.56 22.70 22.32
N LYS D 34 7.84 22.94 21.05
CA LYS D 34 6.88 22.68 19.99
C LYS D 34 7.51 21.78 18.94
N VAL D 35 6.85 20.68 18.61
CA VAL D 35 7.35 19.77 17.60
C VAL D 35 6.25 19.48 16.59
N ARG D 36 6.60 18.78 15.52
CA ARG D 36 5.61 18.45 14.50
C ARG D 36 4.68 17.32 14.96
N GLU D 37 5.20 16.37 15.73
CA GLU D 37 4.41 15.20 16.13
C GLU D 37 3.17 15.57 16.93
N THR D 38 2.00 15.32 16.36
CA THR D 38 0.73 15.69 16.99
C THR D 38 0.55 15.00 18.35
N PHE D 39 0.73 13.69 18.39
CA PHE D 39 0.57 12.94 19.63
C PHE D 39 1.90 12.44 20.18
N GLY D 40 1.99 12.35 21.51
CA GLY D 40 3.18 11.82 22.15
C GLY D 40 3.09 11.97 23.66
N THR D 41 4.19 11.68 24.35
CA THR D 41 4.25 11.90 25.78
C THR D 41 5.57 12.57 26.13
N TRP D 42 5.57 13.39 27.16
CA TRP D 42 6.84 13.74 27.77
C TRP D 42 6.69 13.55 29.27
N MET D 43 7.72 12.97 29.87
CA MET D 43 7.63 12.51 31.24
C MET D 43 8.91 12.80 32.01
N ARG D 44 8.77 13.15 33.29
CA ARG D 44 9.92 13.28 34.19
C ARG D 44 9.75 12.38 35.39
N GLU D 45 10.84 12.14 36.11
CA GLU D 45 10.77 11.38 37.35
C GLU D 45 9.84 12.07 38.36
N SER D 46 9.08 11.28 39.10
CA SER D 46 8.17 11.85 40.08
C SER D 46 8.55 11.38 41.49
N ALA D 47 9.41 10.38 41.55
CA ALA D 47 9.97 9.96 42.83
C ALA D 47 10.72 11.11 43.49
N ASN D 48 10.89 11.03 44.80
CA ASN D 48 11.61 12.07 45.52
C ASN D 48 13.09 11.96 45.21
N LYS D 49 13.43 12.25 43.95
CA LYS D 49 14.75 12.00 43.42
C LYS D 49 15.35 13.27 42.83
N SER D 50 16.67 13.34 42.86
CA SER D 50 17.39 14.27 42.01
C SER D 50 17.54 13.57 40.65
N ASP D 51 16.88 14.11 39.63
CA ASP D 51 16.87 13.48 38.32
C ASP D 51 16.29 14.45 37.31
N ASP D 52 17.15 15.00 36.46
CA ASP D 52 16.74 16.01 35.48
C ASP D 52 16.27 15.41 34.16
N ARG D 53 16.22 14.08 34.08
CA ARG D 53 15.97 13.45 32.80
C ARG D 53 14.53 13.63 32.32
N ILE D 54 14.39 13.62 31.00
CA ILE D 54 13.08 13.69 30.33
C ILE D 54 12.95 12.53 29.36
N TRP D 55 11.84 11.81 29.42
CA TRP D 55 11.57 10.73 28.47
C TRP D 55 10.42 11.10 27.57
N VAL D 56 10.55 10.74 26.31
CA VAL D 56 9.58 11.10 25.29
C VAL D 56 9.21 9.90 24.42
N THR D 57 7.91 9.71 24.20
CA THR D 57 7.49 8.82 23.12
C THR D 57 6.73 9.64 22.10
N GLU D 58 6.75 9.17 20.86
CA GLU D 58 6.13 9.88 19.74
C GLU D 58 5.08 8.98 19.08
N HIS D 59 3.97 9.59 18.68
CA HIS D 59 2.87 8.86 18.03
C HIS D 59 2.13 7.92 18.99
N PHE D 60 1.26 7.08 18.44
CA PHE D 60 0.39 6.19 19.22
C PHE D 60 0.99 4.84 19.55
N SER D 61 2.08 4.50 18.86
CA SER D 61 2.67 3.17 19.01
C SER D 61 4.14 3.19 18.61
N GLY D 62 4.88 2.20 19.12
CA GLY D 62 6.29 2.07 18.79
C GLY D 62 7.02 1.26 19.84
N ILE D 63 8.33 1.11 19.69
CA ILE D 63 9.08 0.33 20.66
C ILE D 63 10.32 1.09 21.15
N MET D 64 10.42 2.35 20.76
CA MET D 64 11.54 3.19 21.20
C MET D 64 11.08 4.30 22.14
N VAL D 65 11.93 4.62 23.11
CA VAL D 65 11.77 5.79 23.95
C VAL D 65 13.01 6.67 23.83
N LYS D 66 12.79 7.98 23.76
CA LYS D 66 13.88 8.94 23.72
C LYS D 66 14.15 9.44 25.13
N GLU D 67 15.39 9.33 25.57
CA GLU D 67 15.78 9.83 26.88
C GLU D 67 16.66 11.07 26.75
N PHE D 68 16.22 12.15 27.37
CA PHE D 68 16.96 13.40 27.35
C PHE D 68 17.58 13.61 28.73
N LYS D 69 18.85 14.02 28.76
CA LYS D 69 19.52 14.12 30.05
C LYS D 69 18.98 15.29 30.86
N ASP D 70 18.54 16.33 30.16
CA ASP D 70 17.95 17.50 30.82
C ASP D 70 17.13 18.31 29.80
N LEU D 71 16.62 19.45 30.23
CA LEU D 71 15.73 20.25 29.38
C LEU D 71 16.48 20.85 28.19
N PRO D 72 17.67 21.42 28.43
CA PRO D 72 18.48 21.92 27.31
C PRO D 72 18.69 20.84 26.25
N ALA D 73 18.94 19.61 26.67
CA ALA D 73 19.03 18.48 25.74
C ALA D 73 17.75 18.31 24.93
N LEU D 74 16.60 18.39 25.60
CA LEU D 74 15.32 18.29 24.90
C LEU D 74 15.21 19.42 23.89
N LEU D 75 15.52 20.64 24.32
CA LEU D 75 15.41 21.80 23.44
C LEU D 75 16.29 21.65 22.21
N ASN D 76 17.36 20.88 22.35
CA ASN D 76 18.31 20.72 21.27
C ASN D 76 18.24 19.36 20.57
N SER D 77 17.16 18.63 20.81
CA SER D 77 16.94 17.34 20.15
C SER D 77 18.11 16.37 20.33
N SER D 78 18.67 16.35 21.54
CA SER D 78 19.83 15.51 21.81
C SER D 78 19.45 14.42 22.80
N PHE D 79 19.21 13.23 22.28
CA PHE D 79 18.64 12.14 23.05
C PHE D 79 19.45 10.87 22.92
N THR D 80 19.27 9.97 23.87
CA THR D 80 19.72 8.59 23.72
C THR D 80 18.48 7.71 23.57
N LEU D 81 18.55 6.74 22.66
CA LEU D 81 17.41 5.88 22.39
C LEU D 81 17.39 4.67 23.30
N LEU D 82 16.22 4.37 23.84
CA LEU D 82 16.02 3.19 24.66
C LEU D 82 15.10 2.21 23.94
N HIS D 83 15.53 0.96 23.83
CA HIS D 83 14.70 -0.08 23.22
C HIS D 83 13.87 -0.77 24.28
N LEU D 84 12.55 -0.79 24.10
CA LEU D 84 11.64 -1.43 25.06
C LEU D 84 11.54 -2.94 24.80
N PRO D 85 11.11 -3.70 25.81
CA PRO D 85 10.92 -5.14 25.67
C PRO D 85 9.61 -5.49 24.97
N HIS D 86 8.71 -4.52 24.88
CA HIS D 86 7.45 -4.71 24.16
C HIS D 86 7.01 -3.38 23.58
N TYR D 87 6.31 -3.41 22.46
CA TYR D 87 5.73 -2.21 21.88
C TYR D 87 4.75 -1.54 22.84
N PHE D 88 4.76 -0.21 22.86
CA PHE D 88 3.74 0.51 23.61
C PHE D 88 2.58 0.87 22.70
N HIS D 89 1.42 1.10 23.31
CA HIS D 89 0.35 1.81 22.62
C HIS D 89 -0.12 2.98 23.46
N GLY D 90 -0.46 4.07 22.79
CA GLY D 90 -1.09 5.20 23.43
C GLY D 90 -0.14 6.23 24.01
N CYS D 91 -0.73 7.09 24.82
CA CYS D 91 -0.05 8.25 25.36
C CYS D 91 -0.27 8.32 26.87
N GLY D 92 -0.58 7.19 27.49
CA GLY D 92 -0.97 7.22 28.88
C GLY D 92 0.05 6.66 29.83
N HIS D 93 1.32 6.61 29.42
CA HIS D 93 2.31 5.99 30.29
C HIS D 93 2.88 7.00 31.27
N ALA D 94 3.69 6.50 32.20
CA ALA D 94 4.29 7.36 33.20
C ALA D 94 5.59 6.76 33.72
N VAL D 95 6.48 7.63 34.16
CA VAL D 95 7.76 7.20 34.72
C VAL D 95 7.74 7.35 36.22
N TYR D 96 8.14 6.31 36.93
CA TYR D 96 8.26 6.41 38.39
C TYR D 96 9.40 5.51 38.88
N ASN D 97 10.30 6.12 39.64
CA ASN D 97 11.46 5.40 40.17
C ASN D 97 12.27 4.70 39.08
N ASN D 98 12.65 5.46 38.06
CA ASN D 98 13.52 4.98 37.00
C ASN D 98 12.88 3.84 36.22
N SER D 99 11.55 3.80 36.21
CA SER D 99 10.83 2.75 35.48
C SER D 99 9.70 3.34 34.64
N LEU D 100 9.51 2.77 33.46
CA LEU D 100 8.40 3.20 32.61
C LEU D 100 7.24 2.23 32.77
N TYR D 101 6.09 2.79 33.14
CA TYR D 101 4.84 2.05 33.24
C TYR D 101 4.02 2.28 31.97
N TYR D 102 3.69 1.23 31.24
CA TYR D 102 3.04 1.45 29.95
C TYR D 102 2.22 0.28 29.45
N HIS D 103 1.33 0.58 28.52
CA HIS D 103 0.39 -0.38 27.95
C HIS D 103 1.05 -1.12 26.78
N LYS D 104 1.18 -2.44 26.90
CA LYS D 104 1.71 -3.26 25.81
C LYS D 104 0.71 -3.38 24.68
N GLY D 105 1.00 -2.74 23.55
CA GLY D 105 0.04 -2.63 22.46
C GLY D 105 -0.50 -3.97 21.98
N GLY D 106 -1.81 -4.02 21.75
CA GLY D 106 -2.47 -5.22 21.28
C GLY D 106 -2.79 -6.23 22.38
N SER D 107 -2.53 -5.85 23.63
CA SER D 107 -2.82 -6.73 24.76
C SER D 107 -3.50 -5.97 25.89
N ASN D 108 -4.03 -6.70 26.86
CA ASN D 108 -4.50 -6.09 28.10
C ASN D 108 -3.42 -6.22 29.17
N THR D 109 -2.18 -6.29 28.70
CA THR D 109 -1.02 -6.37 29.58
C THR D 109 -0.43 -4.99 29.86
N ILE D 110 -0.13 -4.75 31.13
CA ILE D 110 0.56 -3.52 31.52
C ILE D 110 1.98 -3.86 31.92
N VAL D 111 2.92 -3.03 31.48
CA VAL D 111 4.34 -3.31 31.62
C VAL D 111 5.04 -2.29 32.52
N ARG D 112 5.84 -2.80 33.45
CA ARG D 112 6.77 -1.96 34.21
C ARG D 112 8.19 -2.30 33.78
N PHE D 113 8.83 -1.37 33.07
CA PHE D 113 10.17 -1.59 32.54
C PHE D 113 11.15 -0.69 33.28
N GLU D 114 11.96 -1.29 34.14
CA GLU D 114 12.94 -0.52 34.89
C GLU D 114 14.12 -0.27 33.99
N PHE D 115 14.45 0.99 33.79
CA PHE D 115 15.37 1.40 32.73
C PHE D 115 16.73 0.71 32.72
N GLY D 116 17.23 0.31 33.89
CA GLY D 116 18.53 -0.35 33.94
C GLY D 116 18.51 -1.83 33.55
N LYS D 117 17.34 -2.45 33.60
CA LYS D 117 17.26 -3.90 33.57
C LYS D 117 16.84 -4.49 32.24
N GLU D 118 16.81 -5.82 32.19
CA GLU D 118 16.48 -6.57 30.98
C GLU D 118 15.04 -7.07 31.01
N THR D 119 14.66 -7.72 32.11
CA THR D 119 13.34 -8.31 32.26
C THR D 119 12.37 -7.34 32.93
N PRO D 120 11.27 -6.99 32.25
CA PRO D 120 10.29 -6.12 32.89
C PRO D 120 9.36 -6.92 33.78
N GLN D 121 8.45 -6.23 34.46
CA GLN D 121 7.37 -6.90 35.16
C GLN D 121 6.08 -6.64 34.41
N THR D 122 5.15 -7.58 34.49
CA THR D 122 3.87 -7.43 33.82
C THR D 122 2.70 -7.80 34.72
N LEU D 123 1.57 -7.16 34.46
CA LEU D 123 0.31 -7.56 35.04
C LEU D 123 -0.72 -7.47 33.93
N LYS D 124 -1.86 -8.10 34.08
CA LYS D 124 -2.90 -7.92 33.08
C LYS D 124 -4.23 -7.50 33.71
N LEU D 125 -4.99 -6.73 32.95
CA LEU D 125 -6.30 -6.27 33.40
C LEU D 125 -7.35 -6.97 32.56
N GLU D 126 -7.83 -8.10 33.08
CA GLU D 126 -8.63 -9.05 32.32
C GLU D 126 -9.92 -8.46 31.77
N ASN D 127 -10.48 -7.49 32.47
CA ASN D 127 -11.78 -6.94 32.07
C ASN D 127 -11.68 -5.52 31.55
N ALA D 128 -10.63 -5.25 30.80
CA ALA D 128 -10.39 -3.92 30.25
C ALA D 128 -10.46 -3.93 28.73
N LEU D 129 -11.00 -2.86 28.15
CA LEU D 129 -10.88 -2.66 26.70
C LEU D 129 -9.42 -2.45 26.31
N TYR D 130 -8.99 -3.10 25.23
CA TYR D 130 -7.60 -2.95 24.85
C TYR D 130 -7.35 -2.99 23.35
N PHE D 131 -8.40 -3.17 22.54
CA PHE D 131 -8.21 -3.14 21.09
C PHE D 131 -9.48 -2.77 20.35
N ASP D 132 -9.38 -2.75 19.03
CA ASP D 132 -10.53 -2.51 18.16
C ASP D 132 -11.10 -1.10 18.33
N ARG D 133 -10.25 -0.17 18.75
CA ARG D 133 -10.58 1.26 18.83
C ARG D 133 -11.68 1.57 19.85
N LYS D 134 -11.90 0.66 20.79
CA LYS D 134 -12.77 0.91 21.92
C LYS D 134 -11.93 1.59 23.00
N TYR D 135 -11.64 2.87 22.80
CA TYR D 135 -10.71 3.57 23.67
C TYR D 135 -11.32 3.99 25.00
N LEU D 136 -10.47 4.07 26.02
CA LEU D 136 -10.83 4.74 27.26
C LEU D 136 -10.97 6.23 26.96
N PHE D 137 -9.92 6.80 26.36
CA PHE D 137 -9.94 8.19 25.89
C PHE D 137 -9.80 8.25 24.36
N ALA D 138 -10.91 8.50 23.67
CA ALA D 138 -10.90 8.49 22.22
C ALA D 138 -10.01 9.59 21.65
N ASN D 139 -10.06 10.78 22.25
CA ASN D 139 -9.28 11.93 21.78
C ASN D 139 -7.78 11.63 21.65
N SER D 140 -7.27 10.78 22.53
CA SER D 140 -5.85 10.46 22.53
C SER D 140 -5.59 8.99 22.19
N LYS D 141 -6.61 8.29 21.70
CA LYS D 141 -6.47 6.89 21.31
C LYS D 141 -5.82 6.04 22.39
N THR D 142 -6.19 6.26 23.64
CA THR D 142 -5.55 5.56 24.74
C THR D 142 -6.51 4.59 25.43
N TYR D 143 -6.00 3.42 25.80
CA TYR D 143 -6.79 2.41 26.50
C TYR D 143 -6.51 2.43 27.98
N PHE D 144 -5.27 2.74 28.35
CA PHE D 144 -4.86 2.71 29.75
C PHE D 144 -4.07 3.98 30.09
N ASN D 145 -4.33 4.52 31.28
CA ASN D 145 -3.62 5.69 31.76
C ASN D 145 -3.03 5.36 33.13
N ILE D 146 -1.72 5.24 33.18
CA ILE D 146 -1.04 4.97 34.43
C ILE D 146 -0.69 6.31 35.06
N ALA D 147 -1.12 6.48 36.30
CA ALA D 147 -0.85 7.69 37.03
C ALA D 147 -0.19 7.35 38.36
N VAL D 148 0.74 8.19 38.77
CA VAL D 148 1.39 8.07 40.07
C VAL D 148 1.17 9.35 40.85
N ASP D 149 0.82 9.23 42.13
CA ASP D 149 0.72 10.43 42.95
C ASP D 149 1.04 10.14 44.42
N GLU D 150 0.61 11.04 45.29
CA GLU D 150 0.97 10.97 46.69
C GLU D 150 0.35 9.76 47.38
N LYS D 151 -0.69 9.19 46.77
CA LYS D 151 -1.48 8.15 47.44
C LYS D 151 -1.30 6.76 46.83
N GLY D 152 -0.62 6.66 45.69
CA GLY D 152 -0.32 5.37 45.11
C GLY D 152 -0.07 5.38 43.62
N ILE D 153 -0.02 4.19 43.04
CA ILE D 153 0.10 4.05 41.60
C ILE D 153 -1.21 3.51 41.05
N TRP D 154 -1.73 4.17 40.03
CA TRP D 154 -3.10 3.94 39.57
C TRP D 154 -3.12 3.61 38.09
N ILE D 155 -4.06 2.74 37.69
CA ILE D 155 -4.27 2.50 36.27
C ILE D 155 -5.72 2.75 35.90
N ILE D 156 -5.96 3.81 35.15
CA ILE D 156 -7.28 4.10 34.64
C ILE D 156 -7.54 3.27 33.40
N TYR D 157 -8.69 2.60 33.37
CA TYR D 157 -9.10 1.84 32.20
C TYR D 157 -10.61 1.84 32.07
N ALA D 158 -11.08 1.22 30.99
CA ALA D 158 -12.50 1.15 30.67
C ALA D 158 -12.96 -0.29 30.64
N SER D 159 -14.12 -0.55 31.23
CA SER D 159 -14.66 -1.90 31.35
C SER D 159 -14.97 -2.53 30.00
N SER D 160 -14.53 -3.77 29.83
CA SER D 160 -14.88 -4.52 28.63
C SER D 160 -16.12 -5.34 28.91
N VAL D 161 -16.59 -5.25 30.16
CA VAL D 161 -17.84 -5.89 30.54
C VAL D 161 -19.00 -5.05 29.97
N ASP D 162 -19.10 -3.77 30.32
CA ASP D 162 -20.17 -2.93 29.78
C ASP D 162 -19.71 -2.01 28.65
N GLY D 163 -18.41 -2.01 28.36
CA GLY D 163 -17.87 -1.18 27.29
C GLY D 163 -17.93 0.31 27.58
N SER D 164 -18.09 0.67 28.85
CA SER D 164 -18.35 2.08 29.17
C SER D 164 -17.70 2.59 30.46
N SER D 165 -17.92 1.87 31.56
CA SER D 165 -17.52 2.38 32.86
C SER D 165 -16.00 2.57 33.04
N ILE D 166 -15.63 3.74 33.53
CA ILE D 166 -14.25 4.03 33.87
C ILE D 166 -13.90 3.38 35.19
N LEU D 167 -12.89 2.52 35.16
CA LEU D 167 -12.40 1.92 36.40
C LEU D 167 -10.96 2.33 36.65
N VAL D 168 -10.53 2.14 37.90
CA VAL D 168 -9.19 2.49 38.31
C VAL D 168 -8.64 1.34 39.14
N ALA D 169 -7.58 0.71 38.65
CA ALA D 169 -6.88 -0.30 39.44
C ALA D 169 -5.88 0.37 40.35
N GLN D 170 -5.90 -0.02 41.63
CA GLN D 170 -4.88 0.43 42.57
C GLN D 170 -3.80 -0.64 42.68
N LEU D 171 -2.54 -0.24 42.47
CA LEU D 171 -1.46 -1.21 42.52
C LEU D 171 -0.96 -1.38 43.94
N ASP D 172 -0.43 -2.58 44.23
CA ASP D 172 0.20 -2.82 45.52
C ASP D 172 1.45 -1.97 45.67
N GLU D 173 1.60 -1.34 46.83
CA GLU D 173 2.74 -0.45 47.06
C GLU D 173 4.09 -1.18 46.99
N ARG D 174 4.10 -2.50 47.17
CA ARG D 174 5.38 -3.20 47.24
C ARG D 174 5.64 -4.24 46.13
N THR D 175 4.60 -4.70 45.46
CA THR D 175 4.75 -5.60 44.31
C THR D 175 4.04 -4.97 43.10
N PHE D 176 4.33 -5.47 41.91
CA PHE D 176 3.67 -4.93 40.71
C PHE D 176 2.43 -5.76 40.43
N SER D 177 1.37 -5.46 41.17
CA SER D 177 0.14 -6.24 41.11
C SER D 177 -1.04 -5.39 41.59
N VAL D 178 -2.26 -5.79 41.22
CA VAL D 178 -3.46 -5.02 41.54
C VAL D 178 -4.05 -5.42 42.89
N THR D 179 -4.23 -4.43 43.77
CA THR D 179 -4.83 -4.70 45.07
C THR D 179 -6.35 -4.54 45.06
N GLN D 180 -6.86 -3.58 44.30
CA GLN D 180 -8.31 -3.46 44.16
C GLN D 180 -8.68 -2.77 42.87
N HIS D 181 -9.88 -3.08 42.39
CA HIS D 181 -10.44 -2.35 41.25
C HIS D 181 -11.54 -1.41 41.74
N ILE D 182 -11.42 -0.13 41.43
CA ILE D 182 -12.40 0.87 41.83
C ILE D 182 -13.27 1.30 40.66
N ASN D 183 -14.57 1.03 40.73
CA ASN D 183 -15.50 1.45 39.67
C ASN D 183 -16.05 2.86 39.92
N THR D 184 -15.63 3.82 39.10
CA THR D 184 -16.14 5.19 39.24
C THR D 184 -17.58 5.36 38.77
N THR D 185 -18.04 4.40 37.97
CA THR D 185 -19.36 4.40 37.34
C THR D 185 -19.55 5.52 36.31
N TYR D 186 -18.50 6.29 36.06
CA TYR D 186 -18.56 7.36 35.06
C TYR D 186 -18.34 6.81 33.65
N PRO D 187 -19.24 7.13 32.71
CA PRO D 187 -19.11 6.60 31.34
C PRO D 187 -17.98 7.27 30.55
N LYS D 188 -17.14 6.48 29.88
CA LYS D 188 -15.99 7.02 29.17
C LYS D 188 -16.43 8.02 28.08
N SER D 189 -17.68 7.92 27.64
CA SER D 189 -18.21 8.82 26.62
C SER D 189 -18.26 10.26 27.09
N LYS D 190 -18.18 10.47 28.40
CA LYS D 190 -18.20 11.84 28.94
C LYS D 190 -16.80 12.33 29.27
N ALA D 191 -15.80 11.50 28.99
CA ALA D 191 -14.45 11.81 29.44
C ALA D 191 -13.52 12.19 28.29
N GLY D 192 -12.92 13.37 28.36
CA GLY D 192 -11.89 13.73 27.40
C GLY D 192 -10.57 13.08 27.78
N ASN D 193 -10.14 13.34 29.01
CA ASN D 193 -8.90 12.79 29.53
C ASN D 193 -8.99 12.81 31.05
N ALA D 194 -7.89 12.53 31.74
CA ALA D 194 -7.93 12.53 33.19
C ALA D 194 -6.55 12.56 33.81
N PHE D 195 -6.49 12.93 35.09
CA PHE D 195 -5.27 12.82 35.86
C PHE D 195 -5.65 12.55 37.31
N ILE D 196 -4.69 12.07 38.10
CA ILE D 196 -4.93 11.80 39.51
C ILE D 196 -3.95 12.58 40.39
N ALA D 197 -4.48 13.26 41.40
CA ALA D 197 -3.63 14.01 42.34
C ALA D 197 -4.20 13.90 43.75
N ARG D 198 -3.31 13.65 44.71
CA ARG D 198 -3.68 13.46 46.11
C ARG D 198 -4.85 12.50 46.28
N GLY D 199 -4.87 11.42 45.49
CA GLY D 199 -5.89 10.41 45.63
C GLY D 199 -7.23 10.79 45.03
N ILE D 200 -7.25 11.87 44.25
CA ILE D 200 -8.47 12.30 43.58
C ILE D 200 -8.32 12.19 42.08
N LEU D 201 -9.23 11.47 41.46
CA LEU D 201 -9.29 11.40 40.01
C LEU D 201 -10.06 12.60 39.47
N TYR D 202 -9.44 13.32 38.55
CA TYR D 202 -10.07 14.45 37.87
C TYR D 202 -10.26 14.10 36.40
N VAL D 203 -11.46 14.30 35.88
CA VAL D 203 -11.75 13.94 34.50
C VAL D 203 -12.26 15.15 33.72
N THR D 204 -11.70 15.33 32.52
CA THR D 204 -12.02 16.50 31.70
C THR D 204 -13.24 16.26 30.83
N ASP D 205 -13.86 17.33 30.36
CA ASP D 205 -14.96 17.20 29.40
C ASP D 205 -14.44 16.68 28.07
N THR D 206 -15.35 16.29 27.19
CA THR D 206 -14.98 15.72 25.89
C THR D 206 -14.11 16.65 25.03
N LYS D 207 -14.18 17.95 25.28
CA LYS D 207 -13.36 18.89 24.53
C LYS D 207 -12.03 19.22 25.23
N ASP D 208 -11.81 18.59 26.38
CA ASP D 208 -10.54 18.69 27.10
C ASP D 208 -10.12 20.11 27.50
N THR D 209 -11.07 20.92 27.96
CA THR D 209 -10.73 22.26 28.43
C THR D 209 -11.18 22.52 29.87
N ARG D 210 -12.07 21.67 30.38
CA ARG D 210 -12.55 21.80 31.75
C ARG D 210 -12.58 20.48 32.51
N VAL D 211 -12.26 20.52 33.79
CA VAL D 211 -12.52 19.39 34.68
C VAL D 211 -13.98 19.45 35.13
N THR D 212 -14.75 18.41 34.87
CA THR D 212 -16.20 18.42 35.20
C THR D 212 -16.64 17.21 36.03
N PHE D 213 -15.68 16.38 36.43
CA PHE D 213 -15.96 15.18 37.23
C PHE D 213 -14.77 14.85 38.08
N ALA D 214 -15.03 14.45 39.32
CA ALA D 214 -13.96 13.99 40.20
C ALA D 214 -14.44 12.86 41.09
N PHE D 215 -13.50 12.04 41.53
CA PHE D 215 -13.82 10.87 42.31
C PHE D 215 -12.77 10.62 43.37
N ASP D 216 -13.19 10.59 44.63
CA ASP D 216 -12.29 10.26 45.73
C ASP D 216 -12.02 8.76 45.70
N LEU D 217 -10.83 8.38 45.23
CA LEU D 217 -10.54 6.98 44.95
C LEU D 217 -10.58 6.09 46.19
N LEU D 218 -9.94 6.54 47.27
CA LEU D 218 -9.89 5.75 48.49
C LEU D 218 -11.15 5.93 49.33
N GLY D 219 -11.92 6.99 49.07
CA GLY D 219 -13.22 7.16 49.71
C GLY D 219 -14.31 6.45 48.95
N GLY D 220 -14.06 6.15 47.69
CA GLY D 220 -15.02 5.48 46.84
C GLY D 220 -16.30 6.27 46.57
N LYS D 221 -16.19 7.58 46.45
CA LYS D 221 -17.38 8.39 46.14
C LYS D 221 -17.07 9.53 45.17
N GLN D 222 -18.08 9.95 44.41
CA GLN D 222 -17.92 11.14 43.57
C GLN D 222 -17.77 12.37 44.45
N ILE D 223 -17.08 13.38 43.95
CA ILE D 223 -17.05 14.68 44.59
C ILE D 223 -17.19 15.75 43.53
N ASN D 224 -17.70 16.91 43.93
CA ASN D 224 -17.95 18.00 42.99
C ASN D 224 -16.66 18.62 42.51
N ALA D 225 -16.48 18.66 41.20
CA ALA D 225 -15.35 19.38 40.62
C ALA D 225 -15.76 20.04 39.31
N ASN D 226 -15.61 21.36 39.26
CA ASN D 226 -15.90 22.14 38.07
C ASN D 226 -14.93 23.29 37.99
N PHE D 227 -13.85 23.13 37.23
CA PHE D 227 -12.93 24.24 37.01
C PHE D 227 -12.24 24.15 35.66
N ASP D 228 -11.86 25.30 35.12
CA ASP D 228 -11.18 25.35 33.84
C ASP D 228 -9.81 24.70 33.92
N PHE D 229 -9.41 24.05 32.83
CA PHE D 229 -8.08 23.47 32.71
C PHE D 229 -7.26 24.34 31.76
N ARG D 230 -7.83 24.67 30.62
CA ARG D 230 -7.08 25.43 29.62
C ARG D 230 -8.03 26.07 28.64
N MET D 231 -7.55 27.07 27.92
CA MET D 231 -8.40 27.80 26.99
C MET D 231 -8.34 27.21 25.58
N SER D 232 -7.16 26.72 25.21
CA SER D 232 -6.96 26.08 23.91
C SER D 232 -7.78 24.80 23.78
N GLN D 233 -8.33 24.57 22.59
CA GLN D 233 -9.03 23.32 22.31
C GLN D 233 -8.25 22.39 21.38
N SER D 234 -6.96 22.67 21.18
CA SER D 234 -6.11 21.81 20.35
C SER D 234 -6.10 20.39 20.89
N VAL D 235 -5.90 19.40 20.02
CA VAL D 235 -6.06 18.01 20.45
C VAL D 235 -5.09 17.68 21.59
N LEU D 236 -5.63 17.06 22.62
CA LEU D 236 -4.87 16.75 23.82
C LEU D 236 -4.43 15.29 23.80
N ALA D 237 -3.11 15.08 23.73
CA ALA D 237 -2.56 13.75 23.60
C ALA D 237 -2.25 13.08 24.95
N MET D 238 -1.57 13.83 25.83
CA MET D 238 -1.18 13.34 27.15
C MET D 238 -1.61 14.35 28.22
N LEU D 239 -2.12 13.85 29.35
CA LEU D 239 -2.38 14.68 30.52
C LEU D 239 -2.00 13.92 31.79
N SER D 240 -1.07 14.47 32.57
CA SER D 240 -0.46 13.70 33.64
C SER D 240 0.03 14.59 34.77
N TYR D 241 -0.34 14.23 36.01
CA TYR D 241 0.07 15.00 37.17
C TYR D 241 1.36 14.45 37.74
N ASN D 242 2.28 15.34 38.04
CA ASN D 242 3.57 14.97 38.62
C ASN D 242 3.68 15.48 40.05
N MET D 243 3.72 14.55 41.01
CA MET D 243 3.69 14.90 42.42
C MET D 243 4.97 15.57 42.91
N ARG D 244 6.06 15.43 42.16
CA ARG D 244 7.32 16.01 42.62
C ARG D 244 7.30 17.53 42.52
N ASP D 245 6.71 18.05 41.45
CA ASP D 245 6.61 19.50 41.30
C ASP D 245 5.16 19.99 41.27
N GLN D 246 4.23 19.08 41.53
CA GLN D 246 2.80 19.41 41.56
C GLN D 246 2.37 20.21 40.33
N HIS D 247 2.91 19.85 39.17
CA HIS D 247 2.48 20.46 37.93
C HIS D 247 1.73 19.45 37.09
N LEU D 248 0.88 19.94 36.19
CA LEU D 248 0.31 19.10 35.14
C LEU D 248 1.18 19.13 33.90
N TYR D 249 1.56 17.95 33.42
CA TYR D 249 2.28 17.79 32.17
C TYR D 249 1.31 17.41 31.05
N SER D 250 1.41 18.08 29.92
CA SER D 250 0.55 17.76 28.78
C SER D 250 1.32 17.78 27.47
N TRP D 251 0.73 17.13 26.47
CA TRP D 251 1.19 17.17 25.09
C TRP D 251 -0.02 17.56 24.28
N GLU D 252 0.00 18.77 23.71
CA GLU D 252 -1.18 19.28 23.02
C GLU D 252 -0.88 19.61 21.58
N ASP D 253 -1.23 18.71 20.67
CA ASP D 253 -1.01 18.96 19.25
C ASP D 253 0.45 19.37 19.00
N GLY D 254 1.39 18.65 19.60
CA GLY D 254 2.80 18.95 19.42
C GLY D 254 3.36 20.01 20.35
N HIS D 255 2.53 20.58 21.23
CA HIS D 255 3.05 21.52 22.21
C HIS D 255 3.22 20.82 23.55
N LEU D 256 4.47 20.79 24.04
CA LEU D 256 4.77 20.23 25.36
C LEU D 256 4.60 21.29 26.46
N MET D 257 3.61 21.08 27.33
CA MET D 257 3.22 22.08 28.32
C MET D 257 3.34 21.62 29.78
N LEU D 258 3.41 22.60 30.67
CA LEU D 258 3.36 22.41 32.12
C LEU D 258 2.37 23.40 32.68
N TYR D 259 1.47 22.94 33.55
CA TYR D 259 0.54 23.84 34.26
C TYR D 259 0.77 23.73 35.75
N PRO D 260 0.83 24.88 36.44
CA PRO D 260 0.88 24.81 37.90
C PRO D 260 -0.48 24.42 38.46
N VAL D 261 -0.50 23.76 39.61
CA VAL D 261 -1.77 23.35 40.22
C VAL D 261 -1.93 24.01 41.59
N GLN D 262 -3.11 24.55 41.86
CA GLN D 262 -3.38 25.17 43.14
C GLN D 262 -4.32 24.33 43.99
N PHE D 263 -3.81 23.79 45.09
CA PHE D 263 -4.61 23.01 46.01
C PHE D 263 -5.30 23.90 47.03
N LEU D 264 -6.45 23.44 47.52
CA LEU D 264 -7.19 24.13 48.56
C LEU D 264 -6.41 24.11 49.87
C1 GOL E . -1.53 -27.31 -42.81
O1 GOL E . -0.31 -27.30 -42.10
C2 GOL E . -2.53 -28.13 -42.03
O2 GOL E . -2.59 -27.65 -40.72
C3 GOL E . -3.90 -28.00 -42.67
O3 GOL E . -4.83 -28.39 -41.69
H11 GOL E . -1.38 -27.75 -43.81
H12 GOL E . -1.90 -26.29 -42.95
HO1 GOL E . 0.36 -26.82 -42.63
H2 GOL E . -2.22 -29.18 -42.04
HO2 GOL E . -2.88 -26.70 -40.73
H31 GOL E . -3.97 -28.64 -43.54
H32 GOL E . -4.08 -26.97 -42.96
HO3 GOL E . -5.72 -28.47 -42.11
NA NA F . -1.21 -8.91 -29.04
P PO4 G . 22.81 -3.17 -35.39
O1 PO4 G . 24.04 -3.59 -34.62
O2 PO4 G . 22.08 -4.40 -35.89
O3 PO4 G . 21.90 -2.39 -34.48
O4 PO4 G . 23.21 -2.30 -36.57
P PO4 H . 24.96 -12.96 -34.84
O1 PO4 H . 24.85 -12.38 -33.44
O2 PO4 H . 26.01 -14.05 -34.84
O3 PO4 H . 23.64 -13.56 -35.22
O4 PO4 H . 25.35 -11.88 -35.83
C1 GOL I . -3.94 -40.59 -4.04
O1 GOL I . -4.94 -39.61 -4.19
C2 GOL I . -2.73 -40.24 -4.89
O2 GOL I . -3.10 -39.44 -5.99
C3 GOL I . -1.74 -39.50 -4.03
O3 GOL I . -0.51 -39.42 -4.70
H11 GOL I . -4.35 -41.56 -4.34
H12 GOL I . -3.66 -40.66 -2.99
HO1 GOL I . -5.74 -39.87 -3.69
H2 GOL I . -2.27 -41.18 -5.24
HO2 GOL I . -3.49 -38.61 -5.67
H31 GOL I . -1.61 -40.01 -3.07
H32 GOL I . -2.12 -38.49 -3.83
HO3 GOL I . 0.15 -38.97 -4.14
C1 GOL J . -4.35 -17.47 -7.94
O1 GOL J . -5.74 -17.76 -7.89
C2 GOL J . -4.13 -16.28 -8.86
O2 GOL J . -5.06 -15.28 -8.52
C3 GOL J . -2.71 -15.74 -8.71
O3 GOL J . -2.38 -14.89 -9.78
H11 GOL J . -3.81 -18.34 -8.32
H12 GOL J . -3.98 -17.24 -6.94
HO1 GOL J . -5.88 -18.55 -7.35
H2 GOL J . -4.28 -16.59 -9.89
HO2 GOL J . -4.91 -15.00 -7.59
H31 GOL J . -2.00 -16.57 -8.68
H32 GOL J . -2.62 -15.20 -7.77
HO3 GOL J . -2.33 -15.40 -10.61
NA NA K . -1.50 -20.60 8.33
NA NA L . -3.76 22.64 -5.63
P PO4 M . 6.52 1.41 -14.93
O1 PO4 M . 7.63 0.37 -14.89
O2 PO4 M . 7.09 2.73 -14.43
O3 PO4 M . 5.40 0.92 -14.05
O4 PO4 M . 6.02 1.57 -16.35
P PO4 N . 12.35 7.01 -19.92
O1 PO4 N . 13.08 5.75 -19.49
O2 PO4 N . 13.38 8.09 -20.11
O3 PO4 N . 11.40 7.42 -18.82
O4 PO4 N . 11.52 6.82 -21.17
NA NA O . -4.35 11.43 31.35
P PO4 P . -17.02 2.94 20.77
O1 PO4 P . -16.49 2.79 22.18
O2 PO4 P . -15.88 2.83 19.78
O3 PO4 P . -18.03 1.84 20.48
O4 PO4 P . -17.67 4.29 20.61
P PO4 Q . 5.63 -9.98 21.97
O1 PO4 Q . 6.58 -11.08 22.37
O2 PO4 Q . 6.14 -8.65 22.49
O3 PO4 Q . 4.27 -10.28 22.56
O4 PO4 Q . 5.53 -9.94 20.44
P PO4 R . 12.01 -4.60 17.36
O1 PO4 R . 12.78 -5.79 17.90
O2 PO4 R . 12.88 -3.37 17.40
O3 PO4 R . 10.81 -4.38 18.24
O4 PO4 R . 11.50 -4.84 15.95
P PO4 S . -14.64 -6.07 22.12
O1 PO4 S . -14.22 -6.21 23.57
O2 PO4 S . -15.81 -5.12 22.06
O3 PO4 S . -15.03 -7.42 21.54
O4 PO4 S . -13.52 -5.49 21.30
#